data_5Y5W
#
_entry.id   5Y5W
#
_cell.length_a   88.769
_cell.length_b   148.504
_cell.length_c   169.212
_cell.angle_alpha   90.00
_cell.angle_beta   90.00
_cell.angle_gamma   90.00
#
_symmetry.space_group_name_H-M   'C 2 2 21'
#
loop_
_entity.id
_entity.type
_entity.pdbx_description
1 polymer Spindlin-1
2 polymer 'Histone peptide H4K20(me3)'
#
loop_
_entity_poly.entity_id
_entity_poly.type
_entity_poly.pdbx_seq_one_letter_code
_entity_poly.pdbx_strand_id
1 'polypeptide(L)'
;MSSGHHHHHHHHGSSENLYFQGSRNIVGCRIQHGWKEGNGPVTQWKGTVLDQVPVNPSLYLIKYDGFDCVYGLELNKDER
VSALEVLPDRVATSRISDAHLADTMIGKAVEHMFETEDGSKDEWRGMVLARAPVMNTWFYITYEKDPVLYMYQLLDDYKE
GDLRIMPDSNDSPPAEREPGEVVDSLVGKQVEYAKEDGSKRTGMVIHQVEAKPSVYFIKFDDDFHIYVYDLVKTS
;
A,B,C,D
2 'polypeptide(L)' KRHR(M3L)VLDN E,F,G
#
# COMPACT_ATOMS: atom_id res chain seq x y z
N HIS A 5 -55.76 16.86 -5.33
CA HIS A 5 -56.22 17.81 -6.43
C HIS A 5 -55.66 17.35 -7.75
N HIS A 6 -56.35 17.70 -8.80
CA HIS A 6 -56.19 17.00 -10.03
C HIS A 6 -55.51 17.96 -10.99
N HIS A 7 -54.25 18.26 -10.73
CA HIS A 7 -53.46 19.13 -11.65
C HIS A 7 -52.36 18.40 -12.46
N HIS A 8 -52.06 19.01 -13.60
CA HIS A 8 -50.93 18.64 -14.45
C HIS A 8 -49.62 18.76 -13.66
N HIS A 9 -48.84 17.66 -13.58
CA HIS A 9 -47.46 17.76 -13.05
C HIS A 9 -46.52 18.46 -14.05
N HIS A 10 -45.46 19.09 -13.50
CA HIS A 10 -44.67 20.06 -14.26
C HIS A 10 -43.15 19.91 -14.37
N HIS A 11 -42.50 19.80 -13.24
CA HIS A 11 -41.08 19.47 -13.28
C HIS A 11 -41.01 18.13 -12.55
N HIS A 12 -41.58 17.15 -13.24
CA HIS A 12 -41.81 15.86 -12.64
C HIS A 12 -40.58 15.04 -12.70
N GLY A 13 -40.29 14.38 -11.60
CA GLY A 13 -39.11 13.53 -11.54
C GLY A 13 -39.25 12.63 -10.35
N SER A 14 -38.15 12.05 -9.90
CA SER A 14 -38.14 11.27 -8.65
C SER A 14 -36.74 11.08 -8.19
N SER A 15 -36.58 11.16 -6.88
CA SER A 15 -35.29 11.17 -6.24
C SER A 15 -34.50 9.89 -6.50
N GLU A 16 -35.22 8.81 -6.79
CA GLU A 16 -34.55 7.54 -7.13
C GLU A 16 -33.72 7.60 -8.40
N ASN A 17 -34.12 8.49 -9.32
CA ASN A 17 -33.50 8.56 -10.66
C ASN A 17 -32.22 9.35 -10.76
N LEU A 18 -31.54 9.52 -9.64
CA LEU A 18 -30.66 10.64 -9.47
C LEU A 18 -29.40 10.10 -8.88
N TYR A 19 -28.55 9.54 -9.74
CA TYR A 19 -27.31 8.91 -9.26
C TYR A 19 -26.17 9.92 -9.28
N PHE A 20 -25.13 9.70 -8.47
CA PHE A 20 -23.91 10.53 -8.47
C PHE A 20 -23.22 10.35 -9.80
N GLN A 21 -22.45 11.37 -10.18
CA GLN A 21 -21.56 11.19 -11.34
C GLN A 21 -20.15 11.46 -10.83
N GLY A 22 -19.17 10.75 -11.42
CA GLY A 22 -17.78 10.81 -10.98
C GLY A 22 -17.61 10.18 -9.59
N SER A 23 -18.24 9.03 -9.40
CA SER A 23 -18.18 8.32 -8.12
C SER A 23 -16.80 7.73 -7.90
N ARG A 24 -16.40 6.77 -8.80
CA ARG A 24 -15.16 5.97 -8.76
C ARG A 24 -13.90 6.79 -8.96
N ASN A 25 -12.86 6.68 -8.14
CA ASN A 25 -11.59 7.38 -8.44
C ASN A 25 -10.82 6.82 -9.65
N ILE A 26 -10.74 7.58 -10.74
CA ILE A 26 -9.98 7.17 -11.95
C ILE A 26 -8.59 7.79 -12.14
N VAL A 27 -7.95 8.22 -11.07
CA VAL A 27 -6.67 8.85 -11.20
C VAL A 27 -5.60 7.81 -11.23
N GLY A 28 -4.77 7.83 -12.22
CA GLY A 28 -3.95 6.70 -12.47
C GLY A 28 -4.47 5.79 -13.55
N CYS A 29 -5.72 5.94 -13.94
CA CYS A 29 -6.28 4.95 -14.82
C CYS A 29 -6.00 5.10 -16.28
N ARG A 30 -6.14 4.00 -17.00
CA ARG A 30 -5.96 3.98 -18.43
C ARG A 30 -7.32 3.98 -18.99
N ILE A 31 -7.62 4.85 -19.94
CA ILE A 31 -9.01 4.99 -20.43
C ILE A 31 -9.07 4.99 -21.94
N GLN A 32 -10.06 4.31 -22.49
CA GLN A 32 -10.52 4.55 -23.85
C GLN A 32 -11.90 5.27 -23.74
N HIS A 33 -12.23 6.13 -24.70
CA HIS A 33 -13.60 6.68 -24.86
C HIS A 33 -13.75 7.20 -26.27
N GLY A 34 -14.96 7.45 -26.69
CA GLY A 34 -15.15 8.03 -28.03
C GLY A 34 -15.06 9.53 -28.11
N TRP A 35 -14.86 10.06 -29.30
CA TRP A 35 -14.81 11.52 -29.51
C TRP A 35 -15.56 11.96 -30.77
N LYS A 36 -16.59 12.84 -30.54
CA LYS A 36 -17.51 13.32 -31.62
C LYS A 36 -17.18 14.81 -31.75
N GLU A 37 -16.20 15.03 -32.61
CA GLU A 37 -15.69 16.36 -32.92
C GLU A 37 -16.81 16.94 -33.74
N GLY A 38 -17.65 17.75 -33.13
CA GLY A 38 -18.79 18.36 -33.86
C GLY A 38 -19.66 17.28 -34.51
N ASN A 39 -20.01 17.46 -35.78
CA ASN A 39 -20.76 16.43 -36.53
C ASN A 39 -19.82 15.39 -37.13
N GLY A 40 -18.53 15.49 -36.80
CA GLY A 40 -17.51 14.59 -37.28
C GLY A 40 -17.75 13.18 -36.79
N PRO A 41 -16.91 12.23 -37.25
CA PRO A 41 -17.07 10.80 -36.98
C PRO A 41 -16.52 10.40 -35.61
N VAL A 42 -16.88 9.23 -35.15
CA VAL A 42 -16.61 8.85 -33.76
C VAL A 42 -15.31 8.04 -33.60
N THR A 43 -14.17 8.74 -33.55
CA THR A 43 -12.86 8.13 -33.30
C THR A 43 -12.70 7.78 -31.83
N GLN A 44 -11.77 6.90 -31.57
CA GLN A 44 -11.52 6.37 -30.22
C GLN A 44 -10.25 7.00 -29.72
N TRP A 45 -10.18 7.26 -28.43
CA TRP A 45 -9.01 7.85 -27.78
C TRP A 45 -8.69 6.96 -26.60
N LYS A 46 -7.38 6.84 -26.32
CA LYS A 46 -6.84 6.06 -25.25
C LYS A 46 -5.87 6.95 -24.52
N GLY A 47 -5.87 6.86 -23.20
CA GLY A 47 -4.95 7.68 -22.43
C GLY A 47 -5.02 7.41 -20.95
N THR A 48 -4.31 8.27 -20.21
CA THR A 48 -3.94 8.02 -18.85
C THR A 48 -4.21 9.21 -17.98
N VAL A 49 -5.01 9.02 -16.95
CA VAL A 49 -5.53 10.12 -16.20
C VAL A 49 -4.54 10.52 -15.14
N LEU A 50 -3.97 11.71 -15.27
CA LEU A 50 -2.88 12.18 -14.45
C LEU A 50 -3.28 12.80 -13.13
N ASP A 51 -4.38 13.52 -13.12
CA ASP A 51 -4.71 14.29 -11.95
C ASP A 51 -6.16 14.56 -12.04
N GLN A 52 -6.74 14.92 -10.92
CA GLN A 52 -8.11 15.36 -10.87
C GLN A 52 -8.07 16.65 -10.06
N VAL A 53 -8.52 17.71 -10.68
CA VAL A 53 -8.30 19.03 -10.18
C VAL A 53 -9.03 19.17 -8.84
N PRO A 54 -8.29 19.51 -7.80
CA PRO A 54 -8.95 19.67 -6.51
C PRO A 54 -10.06 20.75 -6.45
N VAL A 55 -9.80 21.91 -7.05
CA VAL A 55 -10.78 23.00 -7.01
C VAL A 55 -11.84 22.96 -8.11
N ASN A 56 -11.89 21.86 -8.85
CA ASN A 56 -13.00 21.56 -9.76
C ASN A 56 -12.87 20.09 -10.15
N PRO A 57 -13.51 19.19 -9.38
CA PRO A 57 -13.30 17.76 -9.63
C PRO A 57 -14.12 17.21 -10.72
N SER A 58 -14.78 18.06 -11.52
CA SER A 58 -15.31 17.59 -12.80
C SER A 58 -14.20 17.42 -13.77
N LEU A 59 -13.06 18.05 -13.47
CA LEU A 59 -11.94 18.23 -14.40
C LEU A 59 -10.80 17.25 -14.24
N TYR A 60 -10.51 16.50 -15.31
CA TYR A 60 -9.41 15.57 -15.37
C TYR A 60 -8.35 16.04 -16.31
N LEU A 61 -7.11 15.75 -15.98
CA LEU A 61 -5.97 15.98 -16.84
C LEU A 61 -5.63 14.64 -17.39
N ILE A 62 -5.69 14.56 -18.70
CA ILE A 62 -5.45 13.31 -19.43
C ILE A 62 -4.23 13.51 -20.32
N LYS A 63 -3.41 12.46 -20.41
CA LYS A 63 -2.38 12.31 -21.38
C LYS A 63 -2.90 11.26 -22.30
N TYR A 64 -3.14 11.64 -23.56
CA TYR A 64 -3.61 10.70 -24.60
C TYR A 64 -2.44 10.22 -25.39
N ASP A 65 -2.50 8.94 -25.76
CA ASP A 65 -1.34 8.22 -26.23
C ASP A 65 -1.10 8.89 -27.51
N GLY A 66 0.09 9.43 -27.68
CA GLY A 66 0.41 10.13 -28.95
C GLY A 66 -0.15 11.52 -29.28
N PHE A 67 -0.80 12.17 -28.31
CA PHE A 67 -0.87 13.65 -28.24
C PHE A 67 0.11 14.16 -27.18
N ASP A 68 0.93 15.09 -27.61
CA ASP A 68 1.98 15.68 -26.79
C ASP A 68 1.37 16.66 -25.75
N CYS A 69 0.25 17.33 -26.10
CA CYS A 69 -0.42 18.22 -25.18
C CYS A 69 -1.24 17.47 -24.16
N VAL A 70 -1.15 17.98 -22.94
CA VAL A 70 -1.99 17.53 -21.84
C VAL A 70 -3.35 18.06 -22.06
N TYR A 71 -4.37 17.28 -21.86
CA TYR A 71 -5.70 17.75 -22.06
C TYR A 71 -6.41 17.86 -20.76
N GLY A 72 -7.02 19.01 -20.54
CA GLY A 72 -8.00 19.12 -19.47
C GLY A 72 -9.31 18.78 -20.09
N LEU A 73 -10.03 17.84 -19.49
CA LEU A 73 -11.32 17.39 -20.01
C LEU A 73 -12.24 17.07 -18.83
N GLU A 74 -13.49 17.58 -18.90
CA GLU A 74 -14.52 17.29 -17.89
C GLU A 74 -15.20 15.97 -18.28
N LEU A 75 -14.56 14.86 -17.92
CA LEU A 75 -14.79 13.60 -18.60
C LEU A 75 -16.23 13.09 -18.50
N ASN A 76 -16.88 13.38 -17.39
CA ASN A 76 -18.21 12.87 -17.20
C ASN A 76 -19.23 13.83 -17.88
N LYS A 77 -19.08 15.13 -17.70
CA LYS A 77 -19.95 16.13 -18.28
C LYS A 77 -19.84 16.29 -19.78
N ASP A 78 -18.67 16.07 -20.36
CA ASP A 78 -18.45 16.62 -21.71
C ASP A 78 -19.19 15.77 -22.67
N GLU A 79 -19.98 16.33 -23.59
CA GLU A 79 -20.82 15.45 -24.39
C GLU A 79 -20.23 15.03 -25.69
N ARG A 80 -19.08 15.59 -26.03
CA ARG A 80 -18.25 14.98 -27.09
C ARG A 80 -17.66 13.64 -26.65
N VAL A 81 -17.76 13.33 -25.34
CA VAL A 81 -17.29 12.06 -24.73
C VAL A 81 -18.42 11.01 -24.59
N SER A 82 -18.14 9.84 -25.12
CA SER A 82 -19.07 8.72 -25.15
C SER A 82 -18.30 7.44 -24.83
N ALA A 83 -18.95 6.54 -24.10
CA ALA A 83 -18.49 5.14 -24.02
C ALA A 83 -17.20 5.00 -23.23
N LEU A 84 -17.28 5.50 -22.00
CA LEU A 84 -16.08 5.73 -21.24
C LEU A 84 -15.77 4.49 -20.44
N GLU A 85 -14.88 3.65 -21.01
CA GLU A 85 -14.34 2.43 -20.34
C GLU A 85 -13.05 2.76 -19.59
N VAL A 86 -12.91 2.28 -18.36
CA VAL A 86 -11.64 2.38 -17.70
C VAL A 86 -10.92 1.07 -17.85
N LEU A 87 -9.91 1.03 -18.69
CA LEU A 87 -9.24 -0.20 -18.93
C LEU A 87 -8.55 -0.59 -17.68
N PRO A 88 -8.41 -1.97 -17.48
CA PRO A 88 -7.55 -2.30 -16.36
C PRO A 88 -6.16 -2.21 -16.81
N ASP A 89 -5.21 -1.87 -15.98
CA ASP A 89 -3.93 -1.58 -16.66
C ASP A 89 -2.88 -2.02 -15.50
N ARG A 90 -1.63 -2.16 -15.99
CA ARG A 90 -0.71 -3.26 -15.71
C ARG A 90 -0.04 -3.24 -14.36
N VAL A 91 0.84 -4.21 -14.18
CA VAL A 91 1.83 -4.23 -13.09
C VAL A 91 3.19 -3.87 -13.75
N ALA A 92 3.22 -2.86 -14.59
CA ALA A 92 4.48 -2.41 -15.16
C ALA A 92 4.71 -1.13 -14.43
N THR A 93 5.69 -1.14 -13.57
CA THR A 93 6.25 0.10 -13.14
C THR A 93 7.24 0.41 -14.26
N SER A 94 7.46 1.71 -14.45
CA SER A 94 8.53 2.25 -15.22
C SER A 94 9.22 3.23 -14.27
N ARG A 95 10.33 2.85 -13.66
CA ARG A 95 11.02 3.73 -12.71
C ARG A 95 12.02 4.48 -13.56
N ILE A 96 12.75 5.40 -12.95
CA ILE A 96 13.49 6.42 -13.67
C ILE A 96 14.94 6.08 -13.65
N SER A 97 15.60 6.15 -14.80
CA SER A 97 17.05 5.83 -14.90
C SER A 97 18.06 6.61 -14.00
N ASP A 98 17.98 7.96 -14.00
CA ASP A 98 18.91 8.81 -13.19
C ASP A 98 18.11 9.92 -12.55
N ALA A 99 17.72 9.74 -11.29
CA ALA A 99 16.89 10.74 -10.58
C ALA A 99 17.64 11.86 -9.83
N HIS A 100 18.97 11.82 -9.82
CA HIS A 100 19.74 12.99 -9.41
C HIS A 100 19.61 13.97 -10.57
N LEU A 101 19.88 13.48 -11.78
CA LEU A 101 19.80 14.30 -13.03
C LEU A 101 18.38 14.82 -13.40
N ALA A 102 17.38 13.98 -13.25
CA ALA A 102 16.00 14.39 -13.38
C ALA A 102 15.59 15.47 -12.37
N ASP A 103 16.08 15.39 -11.13
CA ASP A 103 15.72 16.35 -10.06
C ASP A 103 16.41 17.67 -10.17
N THR A 104 17.27 17.82 -11.16
CA THR A 104 17.87 19.09 -11.50
C THR A 104 17.60 19.45 -12.97
N MET A 105 16.40 19.13 -13.42
CA MET A 105 15.79 19.78 -14.58
C MET A 105 14.49 20.52 -14.17
N ILE A 106 13.88 20.10 -13.08
CA ILE A 106 12.76 20.82 -12.55
C ILE A 106 13.23 22.22 -12.42
N GLY A 107 12.51 23.14 -13.02
CA GLY A 107 12.80 24.57 -12.86
C GLY A 107 13.66 25.21 -13.92
N LYS A 108 14.46 24.40 -14.60
CA LYS A 108 15.45 24.91 -15.55
C LYS A 108 14.82 25.34 -16.88
N ALA A 109 15.29 26.44 -17.45
CA ALA A 109 15.13 26.69 -18.90
C ALA A 109 15.87 25.63 -19.67
N VAL A 110 15.32 25.22 -20.80
CA VAL A 110 15.97 24.21 -21.61
C VAL A 110 15.79 24.52 -23.06
N GLU A 111 16.55 23.89 -23.93
CA GLU A 111 16.41 24.09 -25.36
C GLU A 111 16.13 22.75 -26.06
N HIS A 112 14.98 22.63 -26.69
CA HIS A 112 14.47 21.31 -27.08
C HIS A 112 14.40 21.14 -28.59
N MET A 113 15.05 20.10 -29.12
CA MET A 113 15.16 19.89 -30.60
C MET A 113 14.00 19.21 -31.28
N PHE A 114 13.53 19.81 -32.34
CA PHE A 114 12.35 19.34 -33.02
C PHE A 114 12.73 19.28 -34.46
N GLU A 115 12.22 18.29 -35.18
CA GLU A 115 12.39 18.22 -36.62
C GLU A 115 11.31 19.12 -37.21
N THR A 116 11.63 19.79 -38.30
CA THR A 116 10.62 20.46 -39.12
C THR A 116 10.16 19.42 -40.16
N GLU A 117 9.18 19.78 -40.98
CA GLU A 117 8.58 18.85 -41.95
C GLU A 117 9.61 18.26 -42.94
N ASP A 118 10.58 19.09 -43.34
CA ASP A 118 11.73 18.66 -44.18
C ASP A 118 12.80 17.80 -43.44
N GLY A 119 12.70 17.68 -42.12
CA GLY A 119 13.70 17.00 -41.31
C GLY A 119 14.92 17.87 -41.09
N SER A 120 14.69 19.15 -40.82
CA SER A 120 15.74 20.11 -40.43
C SER A 120 15.66 20.47 -38.94
N LYS A 121 16.79 20.87 -38.35
CA LYS A 121 16.93 21.03 -36.89
C LYS A 121 16.35 22.32 -36.29
N ASP A 122 15.13 22.27 -35.73
CA ASP A 122 14.55 23.39 -34.90
C ASP A 122 14.75 23.22 -33.37
N GLU A 123 15.03 24.29 -32.67
CA GLU A 123 15.28 24.27 -31.24
C GLU A 123 14.36 25.31 -30.66
N TRP A 124 13.64 24.95 -29.61
CA TRP A 124 12.67 25.82 -29.03
C TRP A 124 13.04 25.91 -27.59
N ARG A 125 13.20 27.11 -27.07
CA ARG A 125 13.39 27.27 -25.65
C ARG A 125 12.06 27.00 -24.92
N GLY A 126 12.19 26.27 -23.81
CA GLY A 126 11.11 25.97 -22.88
C GLY A 126 11.48 26.11 -21.40
N MET A 127 10.57 25.64 -20.55
CA MET A 127 10.85 25.34 -19.20
C MET A 127 10.24 24.02 -18.73
N VAL A 128 10.96 23.37 -17.84
CA VAL A 128 10.58 22.13 -17.27
C VAL A 128 9.91 22.44 -15.98
N LEU A 129 8.69 22.03 -15.78
CA LEU A 129 7.99 22.50 -14.59
C LEU A 129 7.95 21.51 -13.46
N ALA A 130 7.75 20.25 -13.82
CA ALA A 130 7.71 19.22 -12.83
C ALA A 130 7.65 17.90 -13.49
N ARG A 131 7.89 16.88 -12.70
CA ARG A 131 7.73 15.57 -13.18
C ARG A 131 6.25 15.29 -13.18
N ALA A 132 5.77 14.62 -14.21
CA ALA A 132 4.35 14.35 -14.35
C ALA A 132 3.85 13.38 -13.25
N PRO A 133 2.58 13.48 -12.85
CA PRO A 133 2.24 12.85 -11.59
C PRO A 133 1.91 11.36 -11.59
N VAL A 134 1.54 10.77 -12.71
CA VAL A 134 1.21 9.35 -12.63
C VAL A 134 2.28 8.57 -13.43
N MET A 135 2.53 9.05 -14.65
CA MET A 135 3.60 8.57 -15.49
C MET A 135 4.82 9.39 -15.08
N ASN A 136 5.47 8.97 -14.02
CA ASN A 136 6.48 9.84 -13.36
C ASN A 136 7.89 9.72 -13.95
N THR A 137 7.97 9.09 -15.13
CA THR A 137 9.14 9.24 -16.00
C THR A 137 8.81 10.10 -17.20
N TRP A 138 7.83 10.99 -17.06
CA TRP A 138 7.62 12.07 -18.03
C TRP A 138 7.67 13.38 -17.27
N PHE A 139 7.82 14.47 -18.02
CA PHE A 139 7.87 15.79 -17.40
C PHE A 139 6.84 16.75 -17.94
N TYR A 140 6.35 17.63 -17.11
CA TYR A 140 5.59 18.75 -17.58
C TYR A 140 6.56 19.72 -18.08
N ILE A 141 6.35 20.16 -19.31
CA ILE A 141 7.20 21.19 -19.87
C ILE A 141 6.30 22.09 -20.66
N THR A 142 6.60 23.36 -20.55
CA THR A 142 5.97 24.39 -21.32
C THR A 142 7.06 25.16 -22.06
N TYR A 143 6.65 25.89 -23.08
CA TYR A 143 7.51 26.59 -24.00
C TYR A 143 7.21 28.06 -24.03
N GLU A 144 8.22 28.85 -24.40
CA GLU A 144 8.10 30.30 -24.42
C GLU A 144 7.24 30.87 -25.54
N LYS A 145 7.25 30.27 -26.71
CA LYS A 145 6.42 30.69 -27.82
C LYS A 145 5.41 29.62 -28.21
N ASP A 146 5.09 28.77 -27.20
CA ASP A 146 3.84 27.94 -27.07
C ASP A 146 3.68 27.66 -25.59
N PRO A 147 2.91 28.46 -24.84
CA PRO A 147 2.91 28.36 -23.42
C PRO A 147 1.95 27.46 -22.68
N VAL A 148 1.28 26.63 -23.44
CA VAL A 148 0.46 25.57 -22.91
C VAL A 148 1.26 24.40 -22.36
N LEU A 149 0.62 23.54 -21.59
CA LEU A 149 1.32 22.45 -20.96
C LEU A 149 1.50 21.30 -21.92
N TYR A 150 2.73 20.77 -21.99
CA TYR A 150 3.11 19.60 -22.78
C TYR A 150 3.74 18.49 -21.95
N MET A 151 3.91 17.30 -22.52
CA MET A 151 4.46 16.16 -21.78
C MET A 151 5.47 15.38 -22.63
N TYR A 152 6.65 15.13 -22.06
CA TYR A 152 7.71 14.38 -22.74
C TYR A 152 8.64 13.66 -21.75
N GLN A 153 9.39 12.71 -22.30
CA GLN A 153 10.30 11.86 -21.55
C GLN A 153 11.60 12.48 -21.76
N LEU A 154 11.79 13.56 -21.03
CA LEU A 154 12.89 14.44 -21.27
C LEU A 154 14.24 13.83 -21.03
N LEU A 155 14.33 12.77 -20.25
CA LEU A 155 15.58 11.99 -20.18
C LEU A 155 15.96 11.32 -21.50
N ASP A 156 15.07 10.54 -22.07
CA ASP A 156 15.23 10.04 -23.44
C ASP A 156 15.76 11.13 -24.36
N ASP A 157 15.25 12.34 -24.20
CA ASP A 157 15.69 13.45 -25.03
C ASP A 157 17.11 13.87 -24.66
N TYR A 158 17.40 14.03 -23.39
CA TYR A 158 18.72 14.42 -22.98
C TYR A 158 19.73 13.39 -23.47
N LYS A 159 19.40 12.10 -23.20
CA LYS A 159 20.19 10.88 -23.52
C LYS A 159 20.66 10.89 -24.96
N GLU A 160 19.75 11.09 -25.89
CA GLU A 160 20.10 11.11 -27.31
C GLU A 160 20.60 12.52 -27.81
N GLY A 161 21.02 13.38 -26.86
CA GLY A 161 21.35 14.78 -27.10
C GLY A 161 20.32 15.59 -27.89
N ASP A 162 19.11 15.66 -27.35
CA ASP A 162 18.03 16.46 -27.94
C ASP A 162 17.50 17.42 -26.91
N LEU A 163 18.29 17.75 -25.92
CA LEU A 163 17.79 18.61 -24.87
C LEU A 163 19.01 19.19 -24.16
N ARG A 164 18.95 20.46 -23.82
CA ARG A 164 20.06 21.16 -23.19
C ARG A 164 19.50 22.00 -22.07
N ILE A 165 20.34 22.55 -21.18
CA ILE A 165 19.93 23.10 -19.87
C ILE A 165 20.83 24.30 -19.60
N MET A 166 20.41 25.25 -18.75
CA MET A 166 21.22 26.44 -18.40
C MET A 166 20.55 27.24 -17.27
N PRO A 167 21.34 27.99 -16.45
CA PRO A 167 20.80 28.76 -15.29
C PRO A 167 20.17 30.11 -15.68
N ASP A 184 -0.06 33.85 -0.05
CA ASP A 184 -0.95 32.69 0.05
C ASP A 184 -1.17 32.08 -1.35
N SER A 185 -2.42 31.98 -1.85
CA SER A 185 -2.67 31.60 -3.25
C SER A 185 -4.04 32.03 -3.82
N LEU A 186 -4.13 31.82 -5.13
CA LEU A 186 -5.25 32.26 -5.95
C LEU A 186 -5.68 31.08 -6.79
N VAL A 187 -5.53 29.88 -6.23
CA VAL A 187 -5.94 28.66 -6.91
C VAL A 187 -7.39 28.36 -6.55
N GLY A 188 -8.24 28.37 -7.56
CA GLY A 188 -9.66 28.36 -7.33
C GLY A 188 -10.26 29.52 -8.04
N LYS A 189 -9.53 30.62 -8.13
CA LYS A 189 -10.13 31.90 -8.57
C LYS A 189 -10.53 31.84 -10.01
N GLN A 190 -11.77 32.20 -10.26
CA GLN A 190 -12.24 32.36 -11.60
C GLN A 190 -11.57 33.58 -12.21
N VAL A 191 -11.33 33.51 -13.51
CA VAL A 191 -10.66 34.57 -14.23
C VAL A 191 -11.18 34.63 -15.66
N GLU A 192 -11.05 35.80 -16.27
CA GLU A 192 -11.37 35.97 -17.68
C GLU A 192 -10.26 36.66 -18.35
N TYR A 193 -10.13 36.42 -19.63
CA TYR A 193 -9.06 36.96 -20.39
C TYR A 193 -9.62 38.04 -21.24
N ALA A 194 -8.88 39.12 -21.37
CA ALA A 194 -9.34 40.28 -22.08
C ALA A 194 -8.84 40.25 -23.51
N LYS A 195 -9.68 39.80 -24.42
CA LYS A 195 -9.30 39.82 -25.82
C LYS A 195 -9.31 41.30 -26.26
N GLU A 196 -8.34 41.64 -27.11
CA GLU A 196 -8.29 42.95 -27.76
C GLU A 196 -9.40 43.09 -28.84
N ASP A 197 -10.02 41.97 -29.22
CA ASP A 197 -11.22 41.98 -30.07
C ASP A 197 -12.56 42.06 -29.30
N GLY A 198 -12.48 42.43 -28.03
CA GLY A 198 -13.67 42.79 -27.26
C GLY A 198 -14.19 41.71 -26.34
N SER A 199 -14.32 40.48 -26.87
CA SER A 199 -14.95 39.42 -26.07
C SER A 199 -14.03 38.98 -24.93
N LYS A 200 -14.60 38.22 -23.99
CA LYS A 200 -13.86 37.66 -22.83
C LYS A 200 -13.83 36.16 -23.00
N ARG A 201 -12.89 35.52 -22.33
CA ARG A 201 -12.99 34.09 -22.18
C ARG A 201 -12.69 33.60 -20.80
N THR A 202 -13.69 32.97 -20.25
CA THR A 202 -13.71 32.71 -18.83
C THR A 202 -12.99 31.39 -18.57
N GLY A 203 -12.20 31.37 -17.51
CA GLY A 203 -11.61 30.14 -17.03
C GLY A 203 -11.33 30.25 -15.57
N MET A 204 -10.54 29.32 -15.05
CA MET A 204 -10.18 29.40 -13.67
C MET A 204 -8.77 28.91 -13.47
N VAL A 205 -8.18 29.33 -12.37
CA VAL A 205 -6.83 28.92 -12.07
C VAL A 205 -6.99 27.59 -11.41
N ILE A 206 -6.17 26.61 -11.82
CA ILE A 206 -6.30 25.24 -11.31
C ILE A 206 -5.11 24.68 -10.59
N HIS A 207 -3.93 25.22 -10.81
CA HIS A 207 -2.78 24.68 -10.15
C HIS A 207 -1.74 25.73 -9.94
N GLN A 208 -0.93 25.56 -8.90
CA GLN A 208 0.26 26.36 -8.73
C GLN A 208 1.48 25.48 -8.75
N VAL A 209 2.48 25.91 -9.53
CA VAL A 209 3.69 25.16 -9.77
C VAL A 209 4.61 25.14 -8.56
N GLU A 210 4.85 23.94 -8.03
CA GLU A 210 5.58 23.77 -6.77
C GLU A 210 7.01 24.29 -6.90
N ALA A 211 7.63 24.11 -8.06
CA ALA A 211 9.00 24.63 -8.33
C ALA A 211 9.12 26.13 -8.56
N LYS A 212 8.39 26.65 -9.55
CA LYS A 212 8.30 28.08 -9.86
C LYS A 212 6.92 28.61 -9.38
N PRO A 213 6.79 29.00 -8.10
CA PRO A 213 5.48 29.37 -7.55
C PRO A 213 4.82 30.61 -8.10
N SER A 214 5.58 31.43 -8.82
CA SER A 214 4.99 32.49 -9.56
C SER A 214 4.27 32.01 -10.80
N VAL A 215 4.35 30.71 -11.09
CA VAL A 215 3.73 30.10 -12.29
C VAL A 215 2.46 29.34 -11.93
N TYR A 216 1.38 29.60 -12.67
CA TYR A 216 0.12 28.89 -12.46
C TYR A 216 -0.44 28.31 -13.70
N PHE A 217 -1.33 27.35 -13.56
CA PHE A 217 -2.07 26.81 -14.72
C PHE A 217 -3.49 27.37 -14.77
N ILE A 218 -3.91 27.85 -15.92
CA ILE A 218 -5.27 28.23 -16.11
C ILE A 218 -5.97 27.25 -17.02
N LYS A 219 -7.25 27.04 -16.82
CA LYS A 219 -8.03 26.24 -17.74
C LYS A 219 -9.32 26.96 -18.17
N PHE A 220 -9.36 27.37 -19.43
CA PHE A 220 -10.48 28.17 -19.96
C PHE A 220 -11.59 27.18 -20.31
N ASP A 221 -12.82 27.59 -20.09
CA ASP A 221 -13.98 26.74 -20.26
C ASP A 221 -14.09 26.22 -21.72
N ASP A 222 -13.67 27.01 -22.67
CA ASP A 222 -13.91 26.65 -24.04
C ASP A 222 -12.69 26.00 -24.70
N ASP A 223 -11.88 25.28 -23.95
CA ASP A 223 -10.75 24.67 -24.61
C ASP A 223 -10.05 23.74 -23.67
N PHE A 224 -9.54 22.63 -24.23
CA PHE A 224 -8.96 21.56 -23.47
C PHE A 224 -7.50 21.72 -23.05
N HIS A 225 -6.75 22.55 -23.72
CA HIS A 225 -5.44 22.96 -23.22
C HIS A 225 -5.36 23.58 -21.82
N ILE A 226 -4.31 23.20 -21.10
CA ILE A 226 -3.97 23.82 -19.87
C ILE A 226 -3.00 24.89 -20.26
N TYR A 227 -3.23 26.11 -19.82
CA TYR A 227 -2.38 27.20 -20.13
C TYR A 227 -1.57 27.53 -18.91
N VAL A 228 -0.32 27.86 -19.16
CA VAL A 228 0.68 28.21 -18.14
C VAL A 228 1.00 29.70 -18.21
N TYR A 229 0.65 30.42 -17.15
CA TYR A 229 0.90 31.85 -17.08
C TYR A 229 1.89 32.09 -15.95
N ASP A 230 2.82 33.03 -16.13
CA ASP A 230 3.56 33.58 -15.01
C ASP A 230 2.88 34.82 -14.58
N LEU A 231 2.41 34.82 -13.35
CA LEU A 231 1.45 35.79 -12.87
C LEU A 231 2.01 36.59 -11.73
N VAL A 232 3.27 37.03 -11.90
CA VAL A 232 3.98 37.90 -10.94
C VAL A 232 5.07 38.75 -11.68
N HIS B 10 -31.58 -29.69 13.40
CA HIS B 10 -30.40 -29.46 12.49
C HIS B 10 -30.12 -27.96 12.41
N HIS B 11 -28.89 -27.59 12.04
CA HIS B 11 -28.51 -26.19 11.91
C HIS B 11 -27.44 -26.06 10.84
N HIS B 12 -26.66 -25.00 10.97
CA HIS B 12 -25.33 -24.85 10.38
C HIS B 12 -24.21 -24.98 11.45
N GLY B 13 -24.19 -26.14 12.14
CA GLY B 13 -23.17 -26.44 13.14
C GLY B 13 -23.39 -25.84 14.52
N SER B 14 -22.33 -25.82 15.33
CA SER B 14 -22.37 -25.31 16.70
C SER B 14 -20.99 -24.99 17.22
N SER B 15 -20.93 -23.99 18.08
CA SER B 15 -19.73 -23.20 18.40
C SER B 15 -18.58 -23.92 19.06
N GLU B 16 -18.86 -25.07 19.63
CA GLU B 16 -17.92 -25.80 20.50
C GLU B 16 -16.99 -26.77 19.74
N ASN B 17 -17.47 -27.23 18.60
CA ASN B 17 -16.67 -28.02 17.70
C ASN B 17 -15.59 -27.28 16.90
N LEU B 18 -15.47 -25.97 17.13
CA LEU B 18 -14.54 -25.14 16.42
C LEU B 18 -13.30 -25.06 17.22
N TYR B 19 -12.23 -25.60 16.66
CA TYR B 19 -10.87 -25.47 17.15
C TYR B 19 -10.06 -24.69 16.12
N PHE B 20 -9.28 -23.72 16.58
CA PHE B 20 -8.36 -23.15 15.69
C PHE B 20 -7.12 -23.99 15.63
N GLN B 21 -6.86 -24.48 14.42
CA GLN B 21 -5.73 -25.33 14.13
C GLN B 21 -4.51 -24.62 14.64
N GLY B 22 -3.91 -25.23 15.67
CA GLY B 22 -2.72 -24.69 16.27
C GLY B 22 -1.73 -25.22 15.29
N SER B 23 -0.74 -24.39 14.93
CA SER B 23 0.24 -24.79 13.92
C SER B 23 1.67 -24.52 14.40
N ARG B 24 2.53 -25.53 14.20
CA ARG B 24 3.95 -25.45 14.50
C ARG B 24 4.62 -24.42 13.58
N ASN B 25 5.94 -24.30 13.69
CA ASN B 25 6.75 -23.52 12.74
C ASN B 25 7.77 -24.43 12.07
N ILE B 26 7.30 -25.14 11.08
CA ILE B 26 8.12 -26.11 10.38
C ILE B 26 9.24 -25.53 9.46
N VAL B 27 9.48 -24.22 9.51
CA VAL B 27 10.46 -23.60 8.63
C VAL B 27 11.78 -24.20 9.07
N GLY B 28 12.44 -24.85 8.12
CA GLY B 28 13.71 -25.53 8.39
C GLY B 28 13.62 -27.03 8.58
N CYS B 29 12.42 -27.58 8.71
CA CYS B 29 12.28 -28.98 9.02
C CYS B 29 12.44 -29.82 7.81
N ARG B 30 12.87 -31.06 8.02
CA ARG B 30 12.71 -32.07 7.00
C ARG B 30 11.31 -32.55 7.09
N ILE B 31 10.78 -33.08 6.02
CA ILE B 31 9.41 -33.58 6.02
C ILE B 31 9.22 -34.68 5.01
N GLN B 32 8.21 -35.49 5.27
CA GLN B 32 7.81 -36.51 4.32
C GLN B 32 6.33 -36.45 4.22
N HIS B 33 5.85 -36.76 3.01
CA HIS B 33 4.41 -37.03 2.81
C HIS B 33 4.17 -37.82 1.52
N GLY B 34 2.89 -38.10 1.25
CA GLY B 34 2.50 -38.84 0.06
C GLY B 34 1.74 -38.00 -0.92
N TRP B 35 2.01 -38.20 -2.20
CA TRP B 35 1.53 -37.34 -3.29
C TRP B 35 0.46 -38.07 -4.04
N LYS B 36 -0.78 -37.94 -3.57
CA LYS B 36 -1.93 -38.51 -4.28
C LYS B 36 -2.27 -37.61 -5.49
N GLU B 37 -1.81 -37.99 -6.68
CA GLU B 37 -2.05 -37.25 -7.94
C GLU B 37 -3.54 -37.21 -8.32
N GLY B 38 -3.84 -36.60 -9.46
CA GLY B 38 -5.16 -36.70 -10.06
C GLY B 38 -5.40 -38.07 -10.67
N ASN B 39 -6.34 -38.83 -10.11
CA ASN B 39 -6.76 -40.17 -10.63
C ASN B 39 -5.63 -41.23 -10.77
N GLY B 40 -4.53 -41.01 -10.07
CA GLY B 40 -3.27 -41.75 -10.31
C GLY B 40 -2.83 -42.53 -9.09
N PRO B 41 -1.57 -43.05 -9.12
CA PRO B 41 -0.99 -43.78 -7.98
C PRO B 41 -0.40 -42.87 -6.92
N VAL B 42 -0.20 -43.41 -5.72
CA VAL B 42 0.38 -42.65 -4.62
C VAL B 42 1.90 -42.74 -4.83
N THR B 43 2.58 -41.69 -4.37
CA THR B 43 4.04 -41.56 -4.43
C THR B 43 4.51 -40.81 -3.19
N GLN B 44 5.73 -41.14 -2.78
CA GLN B 44 6.27 -40.73 -1.48
C GLN B 44 7.21 -39.55 -1.70
N TRP B 45 7.07 -38.48 -0.92
CA TRP B 45 7.90 -37.27 -1.07
C TRP B 45 8.61 -36.87 0.23
N LYS B 46 9.89 -36.54 0.03
CA LYS B 46 10.77 -35.99 1.05
C LYS B 46 11.49 -34.74 0.52
N GLY B 47 11.65 -33.76 1.40
CA GLY B 47 12.20 -32.48 1.07
C GLY B 47 12.31 -31.60 2.28
N THR B 48 13.00 -30.48 2.14
CA THR B 48 13.16 -29.59 3.26
C THR B 48 12.31 -28.36 3.07
N VAL B 49 11.71 -27.88 4.16
CA VAL B 49 10.83 -26.73 4.10
C VAL B 49 11.68 -25.49 4.26
N LEU B 50 11.70 -24.66 3.23
CA LEU B 50 12.56 -23.47 3.18
C LEU B 50 11.94 -22.25 3.84
N ASP B 51 10.68 -22.03 3.55
CA ASP B 51 10.09 -20.76 3.84
C ASP B 51 8.59 -20.86 4.03
N GLN B 52 8.08 -19.99 4.88
CA GLN B 52 6.66 -19.83 5.06
C GLN B 52 6.27 -18.40 4.68
N VAL B 53 5.79 -18.27 3.47
CA VAL B 53 5.44 -17.00 2.88
C VAL B 53 4.59 -16.21 3.88
N PRO B 54 5.07 -15.02 4.31
CA PRO B 54 4.30 -14.27 5.32
C PRO B 54 3.11 -13.42 4.79
N VAL B 55 2.74 -13.53 3.53
CA VAL B 55 1.46 -12.94 3.09
C VAL B 55 0.37 -13.96 2.83
N ASN B 56 0.73 -15.23 2.84
CA ASN B 56 -0.23 -16.30 3.00
C ASN B 56 0.44 -17.40 3.76
N PRO B 57 0.45 -17.31 5.12
CA PRO B 57 1.18 -18.32 5.97
C PRO B 57 0.73 -19.81 5.90
N SER B 58 -0.45 -20.05 5.33
CA SER B 58 -0.81 -21.40 4.85
C SER B 58 0.20 -22.00 3.86
N LEU B 59 0.90 -21.18 3.08
CA LEU B 59 1.78 -21.61 1.99
C LEU B 59 3.30 -21.70 2.31
N TYR B 60 3.88 -22.82 1.87
CA TYR B 60 5.26 -23.15 2.12
C TYR B 60 6.05 -23.33 0.85
N LEU B 61 7.31 -22.93 0.93
CA LEU B 61 8.28 -23.17 -0.15
C LEU B 61 9.11 -24.37 0.24
N ILE B 62 9.07 -25.41 -0.58
CA ILE B 62 9.78 -26.64 -0.29
C ILE B 62 10.66 -27.00 -1.46
N LYS B 63 11.83 -27.54 -1.15
CA LYS B 63 12.70 -28.15 -2.13
C LYS B 63 12.70 -29.62 -1.79
N TYR B 64 12.15 -30.43 -2.68
CA TYR B 64 12.18 -31.90 -2.56
C TYR B 64 13.50 -32.46 -3.08
N ASP B 65 13.90 -33.61 -2.55
CA ASP B 65 15.12 -34.27 -3.00
C ASP B 65 14.85 -34.69 -4.43
N GLY B 66 15.93 -34.72 -5.19
CA GLY B 66 15.88 -35.07 -6.62
C GLY B 66 14.90 -34.29 -7.49
N PHE B 67 14.59 -33.04 -7.08
CA PHE B 67 13.68 -32.11 -7.77
C PHE B 67 14.38 -30.75 -7.71
N ASP B 68 14.64 -30.15 -8.87
CA ASP B 68 15.35 -28.83 -8.96
C ASP B 68 14.46 -27.57 -8.71
N CYS B 69 13.22 -27.65 -9.17
CA CYS B 69 12.17 -26.70 -8.91
C CYS B 69 11.73 -26.58 -7.47
N VAL B 70 11.70 -25.34 -7.01
CA VAL B 70 11.07 -24.98 -5.74
C VAL B 70 9.57 -25.06 -5.96
N TYR B 71 8.89 -25.60 -4.97
CA TYR B 71 7.48 -25.82 -5.01
C TYR B 71 6.82 -25.02 -3.90
N GLY B 72 5.60 -24.60 -4.16
CA GLY B 72 4.85 -23.81 -3.22
C GLY B 72 3.59 -24.54 -3.06
N LEU B 73 3.48 -25.18 -1.91
CA LEU B 73 2.28 -25.90 -1.57
C LEU B 73 1.86 -25.41 -0.24
N GLU B 74 0.55 -25.31 -0.08
CA GLU B 74 -0.08 -25.29 1.23
C GLU B 74 -0.16 -26.71 1.77
N LEU B 75 0.73 -27.07 2.68
CA LEU B 75 0.86 -28.46 3.13
C LEU B 75 -0.32 -28.95 3.97
N ASN B 76 -1.02 -28.02 4.60
CA ASN B 76 -2.15 -28.38 5.45
C ASN B 76 -3.52 -28.15 4.83
N LYS B 77 -3.64 -27.15 3.97
CA LYS B 77 -4.87 -26.94 3.26
C LYS B 77 -4.95 -27.88 2.04
N ASP B 78 -3.86 -28.41 1.51
CA ASP B 78 -3.98 -29.17 0.25
C ASP B 78 -4.51 -30.56 0.55
N GLU B 79 -5.36 -31.05 -0.35
CA GLU B 79 -5.94 -32.39 -0.20
C GLU B 79 -5.10 -33.51 -0.84
N ARG B 80 -4.22 -33.19 -1.78
CA ARG B 80 -3.20 -34.16 -2.21
C ARG B 80 -2.06 -34.42 -1.24
N VAL B 81 -1.98 -33.64 -0.16
CA VAL B 81 -1.01 -33.85 0.90
C VAL B 81 -1.56 -34.83 1.93
N SER B 82 -1.27 -36.12 1.67
CA SER B 82 -1.62 -37.24 2.54
C SER B 82 -0.43 -37.71 3.37
N ALA B 83 -0.72 -37.94 4.67
CA ALA B 83 0.20 -38.55 5.64
C ALA B 83 1.35 -37.79 6.21
N LEU B 84 1.18 -36.49 6.35
CA LEU B 84 2.30 -35.63 6.73
C LEU B 84 3.13 -35.84 8.00
N GLU B 85 4.46 -35.84 7.86
CA GLU B 85 5.35 -36.06 9.00
C GLU B 85 6.50 -35.09 8.99
N VAL B 86 7.01 -34.80 10.19
CA VAL B 86 8.04 -33.78 10.40
C VAL B 86 9.20 -34.34 11.22
N LEU B 87 10.31 -34.64 10.57
CA LEU B 87 11.42 -35.36 11.23
C LEU B 87 12.18 -34.56 12.31
N ALA B 99 32.58 -18.80 0.63
CA ALA B 99 31.75 -17.63 0.93
C ALA B 99 31.89 -16.52 -0.10
N HIS B 100 33.12 -16.19 -0.45
CA HIS B 100 33.39 -15.17 -1.47
C HIS B 100 32.68 -15.42 -2.79
N LEU B 101 33.07 -16.50 -3.46
CA LEU B 101 32.59 -16.83 -4.80
C LEU B 101 31.07 -16.83 -4.90
N ALA B 102 30.41 -17.24 -3.82
CA ALA B 102 28.97 -17.14 -3.68
C ALA B 102 28.48 -15.72 -3.93
N ASP B 103 28.97 -14.77 -3.14
CA ASP B 103 28.46 -13.41 -3.19
C ASP B 103 28.77 -12.68 -4.51
N THR B 104 29.78 -13.16 -5.25
CA THR B 104 30.20 -12.52 -6.51
C THR B 104 29.20 -12.72 -7.64
N MET B 105 28.37 -13.74 -7.49
CA MET B 105 27.41 -14.18 -8.53
C MET B 105 25.94 -13.93 -8.17
N ILE B 106 25.72 -13.27 -7.03
CA ILE B 106 24.39 -13.08 -6.44
C ILE B 106 23.36 -12.40 -7.33
N GLY B 107 23.70 -11.25 -7.89
CA GLY B 107 22.79 -10.59 -8.83
C GLY B 107 23.08 -10.95 -10.26
N LYS B 108 24.20 -11.63 -10.49
CA LYS B 108 24.83 -11.67 -11.79
C LYS B 108 24.00 -12.55 -12.66
N ALA B 109 23.82 -12.18 -13.91
CA ALA B 109 23.29 -13.11 -14.89
C ALA B 109 24.39 -14.13 -15.27
N VAL B 110 23.99 -15.26 -15.83
CA VAL B 110 24.89 -16.39 -15.93
C VAL B 110 24.44 -17.39 -17.00
N GLU B 111 25.44 -18.09 -17.54
CA GLU B 111 25.22 -19.19 -18.48
C GLU B 111 25.72 -20.51 -17.85
N HIS B 112 24.79 -21.46 -17.79
CA HIS B 112 24.87 -22.62 -16.92
C HIS B 112 24.81 -23.84 -17.80
N MET B 113 25.93 -24.56 -17.96
CA MET B 113 25.97 -25.77 -18.82
C MET B 113 25.24 -26.98 -18.21
N PHE B 114 24.65 -27.76 -19.10
CA PHE B 114 23.76 -28.85 -18.74
C PHE B 114 24.05 -30.02 -19.69
N GLU B 115 23.59 -31.21 -19.31
CA GLU B 115 23.75 -32.45 -20.10
C GLU B 115 22.41 -32.85 -20.67
N THR B 116 22.36 -33.15 -21.97
CA THR B 116 21.10 -33.58 -22.60
C THR B 116 20.77 -35.02 -22.19
N GLU B 117 19.83 -35.66 -22.89
CA GLU B 117 19.69 -37.12 -22.86
C GLU B 117 20.97 -37.81 -23.40
N ASP B 118 21.38 -37.46 -24.61
CA ASP B 118 22.63 -37.97 -25.23
C ASP B 118 23.94 -37.46 -24.58
N GLY B 119 23.84 -36.47 -23.70
CA GLY B 119 25.00 -35.82 -23.09
C GLY B 119 25.60 -34.77 -23.99
N SER B 120 24.74 -34.02 -24.70
CA SER B 120 25.16 -32.85 -25.50
C SER B 120 25.23 -31.65 -24.56
N LYS B 121 26.28 -30.84 -24.70
CA LYS B 121 26.49 -29.67 -23.84
C LYS B 121 25.54 -28.54 -24.26
N ASP B 122 24.62 -28.18 -23.37
CA ASP B 122 23.60 -27.16 -23.67
C ASP B 122 23.48 -26.14 -22.52
N GLU B 123 24.07 -24.96 -22.75
CA GLU B 123 24.00 -23.85 -21.81
C GLU B 123 22.54 -23.40 -21.64
N TRP B 124 22.28 -22.77 -20.52
CA TRP B 124 21.05 -22.05 -20.33
C TRP B 124 21.46 -20.75 -19.66
N ARG B 125 21.08 -19.63 -20.25
CA ARG B 125 21.22 -18.35 -19.60
C ARG B 125 20.18 -18.27 -18.48
N GLY B 126 20.62 -17.78 -17.34
CA GLY B 126 19.74 -17.65 -16.22
C GLY B 126 20.20 -16.46 -15.46
N MET B 127 19.79 -16.40 -14.20
CA MET B 127 20.24 -15.39 -13.25
C MET B 127 20.06 -15.88 -11.81
N VAL B 128 21.14 -15.72 -11.08
CA VAL B 128 21.20 -16.15 -9.71
C VAL B 128 20.47 -15.06 -8.98
N LEU B 129 19.64 -15.43 -8.01
CA LEU B 129 18.77 -14.45 -7.30
C LEU B 129 19.21 -14.23 -5.90
N ALA B 130 19.56 -15.32 -5.23
CA ALA B 130 20.02 -15.28 -3.86
C ALA B 130 20.36 -16.67 -3.37
N ARG B 131 21.03 -16.69 -2.23
CA ARG B 131 21.26 -17.93 -1.54
C ARG B 131 19.95 -18.38 -0.92
N ALA B 132 19.81 -19.68 -0.70
CA ALA B 132 18.58 -20.23 -0.16
C ALA B 132 18.58 -20.11 1.34
N PRO B 133 17.41 -19.83 1.94
CA PRO B 133 17.30 -19.59 3.38
C PRO B 133 17.77 -20.70 4.30
N VAL B 134 17.33 -21.94 4.08
CA VAL B 134 17.72 -22.98 5.05
C VAL B 134 18.84 -23.86 4.51
N MET B 135 18.84 -24.14 3.23
CA MET B 135 19.90 -24.89 2.63
C MET B 135 20.95 -23.90 2.13
N ASN B 136 21.53 -23.17 3.07
CA ASN B 136 22.44 -22.03 2.78
C ASN B 136 23.46 -22.20 1.63
N THR B 137 23.90 -23.42 1.38
CA THR B 137 24.76 -23.72 0.25
C THR B 137 24.13 -23.94 -1.11
N TRP B 138 22.81 -23.90 -1.13
CA TRP B 138 22.10 -23.92 -2.37
C TRP B 138 21.87 -22.50 -2.83
N PHE B 139 21.30 -22.33 -4.00
CA PHE B 139 21.07 -21.01 -4.55
C PHE B 139 19.77 -21.00 -5.33
N TYR B 140 19.12 -19.84 -5.32
CA TYR B 140 17.92 -19.61 -6.11
C TYR B 140 18.36 -19.10 -7.47
N ILE B 141 17.85 -19.70 -8.54
CA ILE B 141 18.17 -19.24 -9.90
C ILE B 141 16.96 -19.43 -10.79
N THR B 142 16.83 -18.56 -11.79
CA THR B 142 15.74 -18.60 -12.77
C THR B 142 16.37 -18.41 -14.14
N TYR B 143 15.69 -18.89 -15.17
CA TYR B 143 16.27 -18.98 -16.51
C TYR B 143 15.47 -18.21 -17.50
N GLU B 144 16.14 -17.43 -18.36
CA GLU B 144 15.46 -16.59 -19.35
C GLU B 144 14.39 -17.38 -20.12
N LYS B 145 14.71 -18.53 -20.70
CA LYS B 145 13.67 -19.25 -21.46
C LYS B 145 12.85 -20.23 -20.58
N ASP B 146 12.99 -20.10 -19.27
CA ASP B 146 12.18 -20.84 -18.31
C ASP B 146 12.10 -20.14 -16.96
N PRO B 147 11.41 -19.00 -16.95
CA PRO B 147 11.43 -18.21 -15.76
C PRO B 147 10.53 -18.95 -14.76
N VAL B 148 11.20 -19.48 -13.71
CA VAL B 148 10.49 -20.13 -12.61
C VAL B 148 11.64 -20.35 -11.68
N LEU B 149 11.34 -20.66 -10.43
CA LEU B 149 12.37 -20.77 -9.41
C LEU B 149 12.95 -22.16 -9.37
N TYR B 150 14.26 -22.24 -9.45
CA TYR B 150 15.06 -23.45 -9.31
C TYR B 150 16.05 -23.25 -8.20
N MET B 151 16.75 -24.32 -7.87
CA MET B 151 17.58 -24.31 -6.73
C MET B 151 18.73 -25.28 -6.92
N TYR B 152 19.95 -24.77 -6.78
CA TYR B 152 21.14 -25.57 -7.11
C TYR B 152 22.31 -25.15 -6.25
N GLN B 153 23.30 -26.04 -6.14
CA GLN B 153 24.56 -25.75 -5.42
C GLN B 153 25.55 -25.30 -6.47
N LEU B 154 25.62 -23.99 -6.65
CA LEU B 154 26.32 -23.43 -7.81
C LEU B 154 27.83 -23.34 -7.68
N LEU B 155 28.37 -23.57 -6.50
CA LEU B 155 29.84 -23.56 -6.31
C LEU B 155 30.55 -24.86 -6.79
N ASP B 156 29.81 -25.97 -6.91
CA ASP B 156 30.30 -27.21 -7.56
C ASP B 156 30.35 -27.01 -9.06
N ASP B 157 29.26 -26.47 -9.59
CA ASP B 157 29.11 -26.19 -11.01
C ASP B 157 30.08 -25.08 -11.44
N TYR B 158 30.59 -24.30 -10.50
CA TYR B 158 31.62 -23.35 -10.83
C TYR B 158 33.00 -24.02 -10.82
N LYS B 159 33.35 -24.68 -9.71
CA LYS B 159 34.64 -25.41 -9.56
C LYS B 159 34.97 -26.33 -10.74
N GLU B 160 33.98 -27.14 -11.13
CA GLU B 160 34.07 -27.93 -12.37
C GLU B 160 33.63 -27.14 -13.63
N GLY B 161 33.79 -25.80 -13.60
CA GLY B 161 33.65 -24.91 -14.76
C GLY B 161 32.40 -24.89 -15.63
N ASP B 162 31.27 -25.37 -15.11
CA ASP B 162 30.00 -25.45 -15.89
C ASP B 162 29.03 -24.24 -15.71
N LEU B 163 29.45 -23.20 -14.98
CA LEU B 163 28.69 -21.99 -14.82
C LEU B 163 29.61 -20.81 -15.07
N ARG B 164 29.29 -19.98 -16.07
CA ARG B 164 30.12 -18.80 -16.42
C ARG B 164 29.34 -17.46 -16.29
N ILE B 165 30.01 -16.43 -15.77
CA ILE B 165 29.38 -15.11 -15.44
C ILE B 165 29.53 -14.07 -16.61
N MET B 166 28.66 -13.06 -16.66
CA MET B 166 28.87 -11.82 -17.45
C MET B 166 28.11 -10.66 -16.83
N PRO B 167 28.70 -9.45 -16.83
CA PRO B 167 28.11 -8.27 -16.14
C PRO B 167 26.76 -7.76 -16.68
N SER B 185 5.10 -1.49 -1.82
CA SER B 185 5.36 -2.90 -2.15
C SER B 185 4.34 -3.45 -3.14
N LEU B 186 4.68 -4.59 -3.72
CA LEU B 186 3.71 -5.46 -4.41
C LEU B 186 3.45 -6.76 -3.67
N VAL B 187 4.33 -7.11 -2.74
CA VAL B 187 4.20 -8.32 -1.99
C VAL B 187 2.89 -8.14 -1.24
N GLY B 188 2.02 -9.14 -1.34
CA GLY B 188 0.63 -9.00 -0.96
C GLY B 188 -0.29 -8.87 -2.17
N LYS B 189 0.06 -8.03 -3.13
CA LYS B 189 -0.85 -7.71 -4.24
C LYS B 189 -1.24 -8.97 -5.04
N GLN B 190 -2.44 -8.92 -5.61
CA GLN B 190 -3.03 -9.98 -6.42
C GLN B 190 -2.80 -9.66 -7.86
N VAL B 191 -3.02 -10.60 -8.79
CA VAL B 191 -2.58 -10.45 -10.20
C VAL B 191 -3.23 -11.45 -11.18
N GLU B 192 -3.54 -11.04 -12.39
CA GLU B 192 -4.13 -11.95 -13.40
C GLU B 192 -3.17 -12.06 -14.59
N TYR B 193 -3.24 -13.11 -15.38
CA TYR B 193 -2.53 -13.18 -16.66
C TYR B 193 -3.64 -13.45 -17.66
N ALA B 194 -3.50 -12.89 -18.86
CA ALA B 194 -4.45 -13.09 -19.97
C ALA B 194 -4.19 -14.39 -20.75
N LYS B 195 -4.77 -15.49 -20.27
CA LYS B 195 -4.45 -16.84 -20.78
C LYS B 195 -4.68 -16.93 -22.32
N GLU B 196 -3.88 -17.78 -22.98
CA GLU B 196 -4.08 -18.20 -24.37
C GLU B 196 -5.46 -18.84 -24.61
N ASP B 197 -5.91 -19.69 -23.68
CA ASP B 197 -7.32 -20.15 -23.60
C ASP B 197 -8.31 -18.97 -23.53
N GLY B 198 -7.88 -17.87 -22.93
CA GLY B 198 -8.70 -16.68 -22.70
C GLY B 198 -9.14 -16.52 -21.25
N SER B 199 -8.83 -17.51 -20.38
CA SER B 199 -9.19 -17.48 -18.94
C SER B 199 -8.37 -16.44 -18.17
N LYS B 200 -8.83 -16.07 -16.99
CA LYS B 200 -7.98 -15.27 -16.07
C LYS B 200 -7.22 -16.33 -15.29
N ARG B 201 -5.91 -16.17 -15.23
CA ARG B 201 -5.09 -16.94 -14.33
C ARG B 201 -4.80 -16.13 -13.07
N THR B 202 -5.25 -16.60 -11.92
CA THR B 202 -5.10 -15.81 -10.70
C THR B 202 -3.88 -16.20 -9.96
N GLY B 203 -3.28 -15.25 -9.26
CA GLY B 203 -2.11 -15.45 -8.43
C GLY B 203 -1.79 -14.29 -7.49
N MET B 204 -0.62 -14.37 -6.86
CA MET B 204 -0.23 -13.43 -5.87
C MET B 204 1.27 -13.24 -5.83
N VAL B 205 1.67 -12.00 -5.86
CA VAL B 205 3.03 -11.59 -5.63
C VAL B 205 3.37 -11.88 -4.21
N ILE B 206 4.39 -12.69 -4.00
CA ILE B 206 4.76 -13.18 -2.66
C ILE B 206 6.16 -12.89 -2.21
N HIS B 207 7.00 -12.33 -3.07
CA HIS B 207 8.33 -12.06 -2.61
C HIS B 207 9.09 -11.13 -3.52
N GLN B 208 9.82 -10.18 -2.93
CA GLN B 208 10.78 -9.38 -3.66
C GLN B 208 12.25 -9.72 -3.36
N VAL B 209 13.10 -9.75 -4.38
CA VAL B 209 14.47 -10.18 -4.23
C VAL B 209 15.29 -8.95 -3.85
N GLU B 210 16.08 -9.03 -2.76
CA GLU B 210 16.82 -7.85 -2.18
C GLU B 210 17.90 -7.37 -3.13
N ALA B 211 18.69 -8.30 -3.66
CA ALA B 211 19.77 -7.95 -4.58
C ALA B 211 19.30 -7.36 -5.93
N LYS B 212 18.11 -7.75 -6.39
CA LYS B 212 17.60 -7.32 -7.69
C LYS B 212 16.10 -6.96 -7.51
N PRO B 213 15.78 -5.81 -6.89
CA PRO B 213 14.38 -5.56 -6.45
C PRO B 213 13.33 -5.28 -7.51
N SER B 214 13.71 -5.19 -8.77
CA SER B 214 12.70 -5.23 -9.83
C SER B 214 12.00 -6.57 -9.91
N VAL B 215 12.58 -7.55 -9.23
CA VAL B 215 12.24 -8.94 -9.46
C VAL B 215 11.41 -9.47 -8.31
N TYR B 216 10.29 -10.06 -8.68
CA TYR B 216 9.36 -10.64 -7.73
C TYR B 216 9.07 -12.09 -8.06
N PHE B 217 8.69 -12.83 -7.00
CA PHE B 217 8.18 -14.17 -7.12
C PHE B 217 6.68 -14.09 -7.07
N ILE B 218 6.02 -14.74 -8.00
CA ILE B 218 4.59 -14.77 -8.03
C ILE B 218 4.21 -16.22 -8.00
N LYS B 219 3.30 -16.59 -7.10
CA LYS B 219 2.73 -17.94 -7.03
C LYS B 219 1.35 -17.92 -7.63
N PHE B 220 1.06 -18.78 -8.58
CA PHE B 220 -0.33 -18.84 -9.04
C PHE B 220 -1.19 -19.80 -8.24
N ASP B 221 -2.48 -19.62 -8.36
CA ASP B 221 -3.48 -20.43 -7.68
C ASP B 221 -3.47 -21.85 -8.20
N ASP B 222 -3.28 -22.02 -9.51
CA ASP B 222 -3.43 -23.30 -10.20
C ASP B 222 -2.12 -24.03 -10.54
N ASP B 223 -1.08 -23.78 -9.77
CA ASP B 223 0.20 -24.43 -9.99
C ASP B 223 0.96 -24.31 -8.69
N PHE B 224 1.93 -25.21 -8.52
CA PHE B 224 2.86 -25.21 -7.38
C PHE B 224 4.22 -24.54 -7.72
N HIS B 225 4.42 -24.13 -8.97
CA HIS B 225 5.62 -23.39 -9.36
C HIS B 225 5.61 -21.94 -8.89
N ILE B 226 6.78 -21.46 -8.50
CA ILE B 226 6.97 -20.08 -8.14
C ILE B 226 7.57 -19.33 -9.32
N TYR B 227 6.72 -18.68 -10.11
CA TYR B 227 7.14 -18.00 -11.31
C TYR B 227 7.94 -16.73 -10.94
N VAL B 228 8.93 -16.40 -11.75
CA VAL B 228 9.78 -15.23 -11.46
C VAL B 228 9.63 -14.13 -12.53
N TYR B 229 9.46 -12.87 -12.08
CA TYR B 229 9.10 -11.74 -12.96
C TYR B 229 9.87 -10.46 -12.64
N ASP B 230 10.49 -9.89 -13.67
CA ASP B 230 11.00 -8.53 -13.63
C ASP B 230 9.81 -7.62 -13.94
N LEU B 231 9.60 -6.67 -13.05
CA LEU B 231 8.41 -5.87 -13.11
C LEU B 231 8.69 -4.35 -13.10
N VAL B 232 9.92 -3.94 -13.39
CA VAL B 232 10.20 -2.51 -13.57
C VAL B 232 10.52 -2.18 -15.04
N SER C 15 5.43 -10.83 -19.04
CA SER C 15 5.39 -9.84 -17.89
C SER C 15 4.34 -8.74 -18.09
N GLU C 16 4.32 -8.16 -19.27
CA GLU C 16 3.39 -7.06 -19.58
C GLU C 16 1.90 -7.43 -19.63
N ASN C 17 1.59 -8.71 -19.86
CA ASN C 17 0.20 -9.20 -19.91
C ASN C 17 -0.41 -9.48 -18.54
N LEU C 18 0.24 -9.01 -17.49
CA LEU C 18 -0.10 -9.33 -16.15
C LEU C 18 -0.60 -8.03 -15.49
N TYR C 19 -1.87 -8.04 -15.05
CA TYR C 19 -2.57 -6.90 -14.47
C TYR C 19 -2.91 -7.24 -13.06
N PHE C 20 -3.20 -6.19 -12.27
CA PHE C 20 -3.80 -6.36 -10.95
C PHE C 20 -5.22 -6.87 -11.13
N GLN C 21 -5.69 -7.56 -10.10
CA GLN C 21 -7.11 -7.92 -10.00
C GLN C 21 -7.71 -7.19 -8.79
N GLY C 22 -8.91 -6.64 -8.96
CA GLY C 22 -9.56 -5.87 -7.86
C GLY C 22 -8.85 -4.63 -7.29
N SER C 23 -8.31 -3.80 -8.18
CA SER C 23 -7.79 -2.50 -7.80
C SER C 23 -8.97 -1.62 -7.44
N ARG C 24 -9.96 -1.53 -8.34
CA ARG C 24 -11.20 -0.77 -8.07
C ARG C 24 -11.69 -1.12 -6.69
N ASN C 25 -11.82 -0.12 -5.82
CA ASN C 25 -12.55 -0.32 -4.58
C ASN C 25 -14.02 -0.48 -4.98
N ILE C 26 -14.68 -1.51 -4.45
CA ILE C 26 -16.11 -1.70 -4.68
C ILE C 26 -16.93 -1.69 -3.37
N VAL C 27 -16.32 -1.33 -2.25
CA VAL C 27 -17.04 -1.39 -1.00
C VAL C 27 -18.13 -0.34 -0.98
N GLY C 28 -19.35 -0.75 -0.73
CA GLY C 28 -20.44 0.15 -0.79
C GLY C 28 -21.11 0.25 -2.13
N CYS C 29 -20.62 -0.42 -3.18
CA CYS C 29 -21.34 -0.25 -4.46
C CYS C 29 -22.37 -1.30 -4.75
N ARG C 30 -23.24 -1.02 -5.73
CA ARG C 30 -24.24 -1.99 -6.24
C ARG C 30 -23.58 -2.69 -7.40
N ILE C 31 -23.92 -3.97 -7.58
CA ILE C 31 -23.25 -4.81 -8.55
C ILE C 31 -24.22 -5.75 -9.22
N GLN C 32 -23.71 -6.36 -10.27
CA GLN C 32 -24.45 -7.28 -11.10
C GLN C 32 -23.45 -8.29 -11.61
N HIS C 33 -23.74 -9.58 -11.46
CA HIS C 33 -22.93 -10.56 -12.15
C HIS C 33 -23.75 -11.77 -12.49
N GLY C 34 -23.31 -12.50 -13.48
CA GLY C 34 -23.84 -13.83 -13.71
C GLY C 34 -23.39 -14.85 -12.69
N TRP C 35 -24.03 -16.02 -12.77
CA TRP C 35 -23.83 -17.13 -11.84
C TRP C 35 -24.11 -18.46 -12.53
N LYS C 36 -23.05 -19.17 -12.94
CA LYS C 36 -23.16 -20.55 -13.49
C LYS C 36 -22.78 -21.55 -12.42
N GLU C 37 -23.79 -22.17 -11.84
CA GLU C 37 -23.60 -23.16 -10.78
C GLU C 37 -23.17 -24.51 -11.37
N GLY C 38 -22.08 -25.07 -10.83
CA GLY C 38 -21.49 -26.32 -11.34
C GLY C 38 -21.53 -26.07 -12.84
N ASN C 39 -22.10 -27.03 -13.58
CA ASN C 39 -22.28 -27.00 -15.07
C ASN C 39 -23.64 -26.60 -15.70
N GLY C 40 -24.44 -25.82 -14.95
CA GLY C 40 -25.84 -25.52 -15.31
C GLY C 40 -26.09 -24.19 -16.04
N PRO C 41 -27.37 -23.74 -16.05
CA PRO C 41 -27.75 -22.52 -16.78
C PRO C 41 -27.38 -21.26 -16.04
N VAL C 42 -26.90 -20.26 -16.78
CA VAL C 42 -26.27 -19.08 -16.19
C VAL C 42 -27.30 -18.13 -15.62
N THR C 43 -27.50 -18.15 -14.31
CA THR C 43 -28.41 -17.20 -13.64
C THR C 43 -27.80 -15.79 -13.60
N GLN C 44 -28.61 -14.82 -13.14
CA GLN C 44 -28.26 -13.41 -13.12
C GLN C 44 -28.54 -12.74 -11.76
N TRP C 45 -27.51 -12.16 -11.14
CA TRP C 45 -27.56 -11.65 -9.72
C TRP C 45 -27.29 -10.14 -9.54
N LYS C 46 -27.85 -9.59 -8.46
CA LYS C 46 -27.79 -8.18 -8.15
C LYS C 46 -27.76 -7.96 -6.62
N GLY C 47 -26.92 -7.04 -6.17
CA GLY C 47 -26.75 -6.78 -4.75
C GLY C 47 -25.72 -5.72 -4.40
N THR C 48 -25.43 -5.60 -3.12
CA THR C 48 -24.84 -4.42 -2.57
C THR C 48 -23.69 -4.88 -1.75
N VAL C 49 -22.49 -4.43 -2.07
CA VAL C 49 -21.32 -4.88 -1.32
C VAL C 49 -21.26 -4.13 -0.03
N LEU C 50 -21.29 -4.88 1.06
CA LEU C 50 -21.31 -4.35 2.41
C LEU C 50 -19.88 -4.25 2.95
N ASP C 51 -18.98 -5.14 2.52
CA ASP C 51 -17.62 -5.11 3.06
C ASP C 51 -16.58 -5.85 2.26
N GLN C 52 -15.33 -5.55 2.58
CA GLN C 52 -14.21 -6.26 2.06
C GLN C 52 -13.28 -6.64 3.19
N VAL C 53 -12.89 -7.91 3.24
CA VAL C 53 -12.31 -8.40 4.50
C VAL C 53 -10.85 -7.97 4.56
N PRO C 54 -10.47 -7.36 5.70
CA PRO C 54 -9.07 -7.04 5.87
C PRO C 54 -8.13 -8.24 5.75
N VAL C 55 -8.34 -9.27 6.55
CA VAL C 55 -7.41 -10.42 6.55
C VAL C 55 -7.48 -11.25 5.29
N ASN C 56 -8.54 -11.10 4.51
CA ASN C 56 -8.50 -11.60 3.13
C ASN C 56 -9.13 -10.52 2.23
N PRO C 57 -8.28 -9.69 1.63
CA PRO C 57 -8.76 -8.67 0.74
C PRO C 57 -9.42 -9.16 -0.52
N SER C 58 -9.46 -10.46 -0.77
CA SER C 58 -10.22 -10.99 -1.91
C SER C 58 -11.70 -11.22 -1.66
N LEU C 59 -12.03 -11.33 -0.39
CA LEU C 59 -13.33 -11.78 0.04
C LEU C 59 -14.25 -10.60 0.29
N TYR C 60 -15.43 -10.65 -0.28
CA TYR C 60 -16.35 -9.56 -0.17
C TYR C 60 -17.62 -10.06 0.42
N LEU C 61 -18.19 -9.30 1.35
CA LEU C 61 -19.53 -9.59 1.84
C LEU C 61 -20.51 -8.89 0.96
N ILE C 62 -21.50 -9.59 0.47
CA ILE C 62 -22.49 -9.00 -0.39
C ILE C 62 -23.87 -9.37 0.14
N LYS C 63 -24.78 -8.41 0.18
CA LYS C 63 -26.18 -8.70 0.42
C LYS C 63 -26.86 -8.65 -0.93
N TYR C 64 -27.34 -9.78 -1.43
CA TYR C 64 -27.99 -9.79 -2.74
C TYR C 64 -29.50 -9.60 -2.58
N ASP C 65 -30.09 -8.92 -3.55
CA ASP C 65 -31.53 -8.62 -3.54
C ASP C 65 -32.35 -9.87 -3.33
N GLY C 66 -33.10 -9.87 -2.25
CA GLY C 66 -33.97 -10.99 -1.98
C GLY C 66 -33.33 -12.32 -1.66
N PHE C 67 -32.05 -12.36 -1.26
CA PHE C 67 -31.56 -13.48 -0.45
C PHE C 67 -31.35 -12.88 0.92
N ASP C 68 -31.63 -13.64 1.97
CA ASP C 68 -31.64 -13.09 3.32
C ASP C 68 -30.25 -13.18 3.91
N CYS C 69 -29.51 -14.19 3.46
CA CYS C 69 -28.17 -14.42 3.96
C CYS C 69 -27.16 -13.46 3.32
N VAL C 70 -26.26 -12.96 4.16
CA VAL C 70 -25.06 -12.36 3.66
C VAL C 70 -24.20 -13.44 2.98
N TYR C 71 -23.69 -13.15 1.78
CA TYR C 71 -22.91 -14.09 1.00
C TYR C 71 -21.47 -13.66 1.04
N GLY C 72 -20.57 -14.60 1.33
CA GLY C 72 -19.11 -14.43 1.30
C GLY C 72 -18.58 -14.93 -0.04
N LEU C 73 -17.92 -14.04 -0.78
CA LEU C 73 -17.63 -14.29 -2.18
C LEU C 73 -16.39 -13.55 -2.63
N GLU C 74 -15.41 -14.30 -3.13
CA GLU C 74 -14.18 -13.78 -3.74
C GLU C 74 -14.47 -13.39 -5.18
N LEU C 75 -15.26 -12.35 -5.32
CA LEU C 75 -15.92 -12.00 -6.56
C LEU C 75 -15.04 -11.98 -7.80
N ASN C 76 -13.77 -11.60 -7.63
CA ASN C 76 -12.79 -11.63 -8.75
C ASN C 76 -12.31 -13.06 -9.09
N LYS C 77 -11.70 -13.71 -8.10
CA LYS C 77 -11.14 -15.09 -8.21
C LYS C 77 -12.18 -16.12 -8.63
N ASP C 78 -13.28 -16.10 -7.93
CA ASP C 78 -14.30 -17.10 -8.06
C ASP C 78 -14.82 -17.27 -9.46
N GLU C 79 -14.94 -18.52 -9.88
CA GLU C 79 -15.17 -18.84 -11.28
C GLU C 79 -16.61 -19.16 -11.65
N ARG C 80 -17.50 -19.14 -10.70
CA ARG C 80 -18.93 -19.21 -10.99
C ARG C 80 -19.45 -17.79 -11.31
N VAL C 81 -18.64 -16.77 -10.99
CA VAL C 81 -19.00 -15.33 -11.16
C VAL C 81 -18.60 -14.85 -12.54
N SER C 82 -19.58 -14.34 -13.28
CA SER C 82 -19.39 -13.98 -14.68
C SER C 82 -19.98 -12.63 -14.96
N ALA C 83 -19.28 -11.87 -15.81
CA ALA C 83 -19.72 -10.54 -16.31
C ALA C 83 -19.98 -9.54 -15.20
N LEU C 84 -18.98 -9.41 -14.33
CA LEU C 84 -19.16 -8.62 -13.13
C LEU C 84 -19.20 -7.16 -13.53
N GLU C 85 -20.32 -6.50 -13.22
CA GLU C 85 -20.57 -5.09 -13.55
C GLU C 85 -21.02 -4.31 -12.33
N VAL C 86 -20.24 -3.29 -11.94
CA VAL C 86 -20.65 -2.36 -10.88
C VAL C 86 -21.62 -1.35 -11.47
N LEU C 87 -22.52 -0.82 -10.66
CA LEU C 87 -23.61 -0.02 -11.16
C LEU C 87 -23.60 1.34 -10.50
N PRO C 88 -24.11 2.38 -11.25
CA PRO C 88 -24.21 3.79 -10.80
C PRO C 88 -24.86 4.04 -9.42
N ASP C 89 -24.22 4.93 -8.64
CA ASP C 89 -24.55 5.10 -7.24
C ASP C 89 -25.75 6.05 -6.98
N ARG C 90 -26.94 5.48 -6.70
CA ARG C 90 -28.17 6.24 -6.43
C ARG C 90 -27.93 7.22 -5.26
N VAL C 91 -28.32 8.49 -5.37
CA VAL C 91 -27.96 9.42 -4.29
C VAL C 91 -29.01 9.33 -3.21
N ALA C 92 -30.25 9.01 -3.60
CA ALA C 92 -31.30 8.98 -2.62
C ALA C 92 -30.90 7.88 -1.68
N THR C 93 -30.91 8.17 -0.39
CA THR C 93 -30.53 7.16 0.59
C THR C 93 -31.65 6.88 1.63
N SER C 94 -31.32 6.25 2.74
CA SER C 94 -32.27 6.09 3.81
C SER C 94 -31.59 6.40 5.11
N ARG C 95 -32.33 7.12 5.96
CA ARG C 95 -31.90 7.52 7.30
C ARG C 95 -32.59 6.62 8.30
N ILE C 96 -32.20 6.78 9.55
CA ILE C 96 -32.67 5.92 10.62
C ILE C 96 -33.84 6.66 11.30
N SER C 97 -35.03 6.05 11.33
CA SER C 97 -36.23 6.72 11.88
C SER C 97 -36.25 6.83 13.43
N ASP C 98 -35.99 5.70 14.12
CA ASP C 98 -35.79 5.66 15.59
C ASP C 98 -34.32 5.35 15.91
N ALA C 99 -33.56 6.37 16.32
CA ALA C 99 -32.09 6.30 16.38
C ALA C 99 -31.53 5.43 17.50
N HIS C 100 -32.17 5.51 18.67
CA HIS C 100 -31.74 4.76 19.87
C HIS C 100 -32.54 3.51 20.16
N LEU C 101 -33.74 3.38 19.62
CA LEU C 101 -34.42 2.07 19.60
C LEU C 101 -33.52 1.06 18.88
N ALA C 102 -32.85 1.51 17.84
CA ALA C 102 -31.78 0.77 17.20
C ALA C 102 -30.70 0.43 18.22
N ASP C 103 -30.07 1.47 18.77
CA ASP C 103 -28.90 1.34 19.69
C ASP C 103 -29.09 0.50 20.99
N THR C 104 -30.33 0.25 21.39
CA THR C 104 -30.65 -0.67 22.50
C THR C 104 -30.81 -2.11 22.01
N MET C 105 -31.14 -2.29 20.72
CA MET C 105 -31.45 -3.60 20.13
C MET C 105 -30.18 -4.42 19.88
N ILE C 106 -29.08 -3.73 19.56
CA ILE C 106 -27.83 -4.38 19.19
C ILE C 106 -27.41 -5.19 20.38
N GLY C 107 -26.95 -6.40 20.15
CA GLY C 107 -26.50 -7.28 21.26
C GLY C 107 -27.58 -8.08 21.99
N LYS C 108 -28.76 -7.52 22.13
CA LYS C 108 -29.82 -8.18 22.85
C LYS C 108 -30.37 -9.36 22.05
N ALA C 109 -30.82 -10.37 22.79
CA ALA C 109 -31.55 -11.52 22.23
C ALA C 109 -32.86 -11.02 21.73
N VAL C 110 -33.42 -11.69 20.74
CA VAL C 110 -34.72 -11.30 20.20
C VAL C 110 -35.51 -12.54 19.88
N GLU C 111 -36.69 -12.31 19.33
CA GLU C 111 -37.54 -13.35 18.79
C GLU C 111 -38.31 -12.84 17.55
N HIS C 112 -37.75 -13.13 16.38
CA HIS C 112 -38.31 -12.71 15.08
C HIS C 112 -39.41 -13.66 14.63
N MET C 113 -40.58 -13.12 14.29
CA MET C 113 -41.73 -13.94 13.84
C MET C 113 -41.80 -13.99 12.34
N PHE C 114 -41.69 -15.19 11.80
CA PHE C 114 -41.86 -15.41 10.38
C PHE C 114 -43.15 -16.16 10.20
N GLU C 115 -43.66 -16.18 8.99
CA GLU C 115 -44.86 -16.94 8.72
C GLU C 115 -44.48 -18.34 8.25
N THR C 116 -45.48 -19.22 8.23
CA THR C 116 -45.35 -20.57 7.66
C THR C 116 -45.79 -20.57 6.19
N GLU C 117 -45.61 -21.70 5.52
CA GLU C 117 -46.16 -21.91 4.17
C GLU C 117 -47.68 -21.80 4.16
N ASP C 118 -48.28 -22.22 5.28
CA ASP C 118 -49.73 -22.10 5.53
C ASP C 118 -50.15 -20.62 5.67
N GLY C 119 -49.34 -19.87 6.41
CA GLY C 119 -49.70 -18.53 6.92
C GLY C 119 -49.57 -18.45 8.43
N SER C 120 -49.47 -19.61 9.09
CA SER C 120 -49.33 -19.73 10.53
C SER C 120 -48.04 -19.07 11.05
N LYS C 121 -47.93 -18.97 12.36
CA LYS C 121 -46.77 -18.35 12.97
C LYS C 121 -45.58 -19.30 12.89
N ASP C 122 -44.38 -18.72 12.90
CA ASP C 122 -43.12 -19.47 13.03
C ASP C 122 -42.10 -18.52 13.66
N GLU C 123 -41.86 -18.69 14.95
CA GLU C 123 -40.97 -17.82 15.72
C GLU C 123 -39.56 -18.43 15.75
N TRP C 124 -38.56 -17.55 15.81
CA TRP C 124 -37.16 -17.94 15.89
C TRP C 124 -36.47 -17.08 16.90
N ARG C 125 -35.85 -17.70 17.88
CA ARG C 125 -35.00 -17.00 18.80
C ARG C 125 -33.76 -16.62 18.05
N GLY C 126 -33.52 -15.33 17.97
CA GLY C 126 -32.35 -14.85 17.33
C GLY C 126 -31.51 -14.15 18.33
N MET C 127 -30.54 -13.44 17.79
CA MET C 127 -29.86 -12.38 18.47
C MET C 127 -29.25 -11.44 17.45
N VAL C 128 -29.38 -10.16 17.75
CA VAL C 128 -28.90 -9.10 16.90
C VAL C 128 -27.39 -8.87 17.15
N LEU C 129 -26.66 -8.63 16.09
CA LEU C 129 -25.21 -8.52 16.17
C LEU C 129 -24.71 -7.10 15.94
N ALA C 130 -25.26 -6.41 14.92
CA ALA C 130 -24.90 -5.03 14.63
C ALA C 130 -25.77 -4.52 13.52
N ARG C 131 -25.54 -3.28 13.13
CA ARG C 131 -26.19 -2.68 11.97
C ARG C 131 -25.24 -2.70 10.76
N ALA C 132 -25.83 -2.95 9.59
CA ALA C 132 -25.09 -3.32 8.38
C ALA C 132 -24.30 -2.12 7.82
N PRO C 133 -23.04 -2.34 7.48
CA PRO C 133 -22.14 -1.25 7.24
C PRO C 133 -22.41 -0.37 6.05
N VAL C 134 -23.19 -0.82 5.10
CA VAL C 134 -23.53 0.09 4.02
C VAL C 134 -24.96 0.45 4.08
N MET C 135 -25.83 -0.54 4.15
CA MET C 135 -27.27 -0.31 4.18
C MET C 135 -27.69 -0.27 5.65
N ASN C 136 -27.47 0.88 6.25
CA ASN C 136 -27.60 1.06 7.70
C ASN C 136 -29.05 1.36 8.18
N THR C 137 -30.01 0.71 7.55
CA THR C 137 -31.33 0.49 8.12
C THR C 137 -31.63 -1.01 8.18
N TRP C 138 -30.62 -1.82 7.88
CA TRP C 138 -30.70 -3.26 7.97
C TRP C 138 -29.76 -3.64 9.12
N PHE C 139 -30.14 -4.70 9.83
CA PHE C 139 -29.29 -5.25 10.89
C PHE C 139 -28.70 -6.62 10.57
N TYR C 140 -27.56 -6.90 11.19
CA TYR C 140 -26.95 -8.20 11.18
C TYR C 140 -27.57 -9.06 12.27
N ILE C 141 -28.26 -10.11 11.88
CA ILE C 141 -28.88 -10.97 12.85
C ILE C 141 -28.56 -12.42 12.51
N THR C 142 -28.28 -13.19 13.54
CA THR C 142 -28.06 -14.61 13.40
C THR C 142 -29.05 -15.33 14.29
N TYR C 143 -29.38 -16.58 13.95
CA TYR C 143 -30.38 -17.38 14.68
C TYR C 143 -29.74 -18.54 15.42
N GLU C 144 -30.38 -18.97 16.50
CA GLU C 144 -29.79 -19.98 17.33
C GLU C 144 -29.98 -21.29 16.69
N LYS C 145 -31.11 -21.50 16.03
CA LYS C 145 -31.36 -22.76 15.30
C LYS C 145 -30.75 -22.85 13.87
N ASP C 146 -30.02 -21.82 13.46
CA ASP C 146 -29.38 -21.73 12.14
C ASP C 146 -28.38 -20.57 12.23
N PRO C 147 -27.17 -20.82 12.80
CA PRO C 147 -26.23 -19.78 13.18
C PRO C 147 -25.32 -19.29 12.04
N VAL C 148 -25.95 -18.69 11.03
CA VAL C 148 -25.24 -17.99 10.01
C VAL C 148 -25.78 -16.60 9.97
N LEU C 149 -25.06 -15.75 9.25
CA LEU C 149 -25.40 -14.36 9.14
C LEU C 149 -26.51 -14.07 8.14
N TYR C 150 -27.65 -13.64 8.70
CA TYR C 150 -28.77 -13.10 7.97
C TYR C 150 -28.79 -11.61 8.14
N MET C 151 -29.52 -10.96 7.22
CA MET C 151 -29.77 -9.50 7.25
C MET C 151 -31.26 -9.14 7.10
N TYR C 152 -31.74 -8.27 7.98
CA TYR C 152 -33.18 -7.92 8.00
C TYR C 152 -33.37 -6.46 8.43
N GLN C 153 -34.39 -5.82 7.86
CA GLN C 153 -34.82 -4.49 8.33
C GLN C 153 -35.77 -4.62 9.54
N LEU C 154 -35.20 -4.42 10.72
CA LEU C 154 -35.77 -4.96 11.95
C LEU C 154 -36.53 -3.96 12.77
N LEU C 155 -36.21 -2.68 12.68
CA LEU C 155 -37.04 -1.63 13.31
C LEU C 155 -38.41 -1.72 12.70
N ASP C 156 -38.47 -1.86 11.39
CA ASP C 156 -39.74 -2.00 10.71
C ASP C 156 -40.45 -3.29 11.14
N ASP C 157 -39.71 -4.36 11.35
CA ASP C 157 -40.29 -5.59 11.90
C ASP C 157 -40.68 -5.45 13.37
N TYR C 158 -40.00 -4.58 14.09
CA TYR C 158 -40.29 -4.26 15.50
C TYR C 158 -41.45 -3.32 15.66
N LYS C 159 -41.39 -2.22 14.90
CA LYS C 159 -42.48 -1.26 14.77
C LYS C 159 -43.79 -1.97 14.54
N GLU C 160 -43.84 -2.89 13.57
CA GLU C 160 -45.04 -3.70 13.34
C GLU C 160 -45.08 -5.02 14.12
N GLY C 161 -44.53 -4.99 15.34
CA GLY C 161 -44.76 -6.03 16.37
C GLY C 161 -44.24 -7.45 16.19
N ASP C 162 -43.28 -7.64 15.27
CA ASP C 162 -42.68 -8.96 14.94
C ASP C 162 -41.29 -9.19 15.54
N LEU C 163 -40.87 -8.31 16.43
CA LEU C 163 -39.57 -8.44 17.02
C LEU C 163 -39.58 -8.11 18.49
N ARG C 164 -39.38 -9.13 19.33
CA ARG C 164 -39.38 -8.97 20.77
C ARG C 164 -37.96 -8.89 21.30
N ILE C 165 -37.59 -7.73 21.82
CA ILE C 165 -36.35 -7.59 22.60
C ILE C 165 -36.57 -8.41 23.87
N MET C 166 -35.49 -8.97 24.42
CA MET C 166 -35.64 -10.00 25.46
C MET C 166 -34.87 -9.73 26.76
N PRO C 167 -35.25 -10.46 27.82
CA PRO C 167 -34.34 -10.65 28.94
C PRO C 167 -33.50 -11.91 28.73
N SER C 185 -7.16 -10.39 20.13
CA SER C 185 -8.13 -10.79 19.13
C SER C 185 -7.60 -11.85 18.17
N LEU C 186 -8.52 -12.70 17.73
CA LEU C 186 -8.17 -13.93 17.05
C LEU C 186 -8.47 -13.82 15.58
N VAL C 187 -8.76 -12.61 15.11
CA VAL C 187 -9.11 -12.41 13.70
C VAL C 187 -7.90 -12.70 12.83
N GLY C 188 -8.14 -13.32 11.68
CA GLY C 188 -7.07 -13.77 10.82
C GLY C 188 -6.70 -15.24 10.99
N LYS C 189 -7.03 -15.84 12.16
CA LYS C 189 -6.59 -17.22 12.47
C LYS C 189 -7.25 -18.26 11.59
N GLN C 190 -6.50 -19.31 11.30
CA GLN C 190 -7.07 -20.48 10.70
C GLN C 190 -7.84 -21.23 11.74
N VAL C 191 -8.82 -21.99 11.31
CA VAL C 191 -9.66 -22.71 12.19
C VAL C 191 -10.12 -23.95 11.45
N GLU C 192 -10.53 -24.97 12.18
CA GLU C 192 -11.20 -26.10 11.57
C GLU C 192 -12.36 -26.56 12.42
N TYR C 193 -13.34 -27.15 11.75
CA TYR C 193 -14.60 -27.50 12.34
C TYR C 193 -14.71 -28.99 12.27
N ALA C 194 -14.92 -29.60 13.44
CA ALA C 194 -15.00 -31.04 13.58
C ALA C 194 -16.40 -31.53 13.31
N LYS C 195 -16.56 -32.38 12.29
CA LYS C 195 -17.89 -32.79 11.82
C LYS C 195 -18.48 -34.02 12.56
N GLU C 196 -19.72 -34.39 12.20
CA GLU C 196 -20.34 -35.68 12.58
C GLU C 196 -19.59 -36.86 11.96
N ASP C 197 -19.16 -36.70 10.70
CA ASP C 197 -18.34 -37.69 9.97
C ASP C 197 -16.89 -37.86 10.52
N GLY C 198 -16.48 -36.99 11.44
CA GLY C 198 -15.07 -36.86 11.79
C GLY C 198 -14.26 -36.10 10.75
N SER C 199 -14.92 -35.49 9.74
CA SER C 199 -14.24 -34.62 8.76
C SER C 199 -13.70 -33.36 9.47
N LYS C 200 -13.05 -32.49 8.70
CA LYS C 200 -12.62 -31.19 9.21
C LYS C 200 -12.72 -30.14 8.09
N ARG C 201 -13.81 -29.39 8.04
CA ARG C 201 -13.89 -28.18 7.19
C ARG C 201 -13.09 -27.06 7.84
N THR C 202 -12.19 -26.48 7.04
CA THR C 202 -11.25 -25.47 7.51
C THR C 202 -11.73 -24.11 7.08
N GLY C 203 -11.32 -23.11 7.85
CA GLY C 203 -11.68 -21.72 7.58
C GLY C 203 -10.81 -20.68 8.27
N MET C 204 -11.38 -19.50 8.43
CA MET C 204 -10.69 -18.50 9.20
C MET C 204 -11.61 -17.48 9.77
N VAL C 205 -11.14 -16.90 10.86
CA VAL C 205 -11.89 -15.87 11.55
C VAL C 205 -11.68 -14.60 10.76
N ILE C 206 -12.77 -14.08 10.20
CA ILE C 206 -12.66 -12.89 9.36
C ILE C 206 -12.98 -11.59 10.06
N HIS C 207 -13.64 -11.64 11.21
CA HIS C 207 -14.23 -10.42 11.77
C HIS C 207 -14.71 -10.65 13.19
N GLN C 208 -14.51 -9.66 14.04
CA GLN C 208 -15.00 -9.75 15.40
C GLN C 208 -16.24 -8.90 15.51
N VAL C 209 -17.20 -9.35 16.30
CA VAL C 209 -18.37 -8.54 16.62
C VAL C 209 -17.99 -7.61 17.75
N GLU C 210 -18.43 -6.35 17.67
CA GLU C 210 -18.15 -5.35 18.74
C GLU C 210 -19.00 -5.57 19.99
N ALA C 211 -20.32 -5.43 19.83
CA ALA C 211 -21.30 -5.50 20.93
C ALA C 211 -21.00 -6.63 21.93
N LYS C 212 -20.82 -7.84 21.42
CA LYS C 212 -20.46 -8.98 22.24
C LYS C 212 -19.14 -9.55 21.70
N PRO C 213 -17.99 -9.12 22.25
CA PRO C 213 -16.67 -9.48 21.68
C PRO C 213 -16.30 -10.99 21.61
N SER C 214 -17.04 -11.81 22.35
CA SER C 214 -16.87 -13.27 22.32
C SER C 214 -17.25 -13.90 20.98
N VAL C 215 -17.89 -13.12 20.09
CA VAL C 215 -18.51 -13.62 18.86
C VAL C 215 -17.75 -13.17 17.60
N TYR C 216 -17.53 -14.12 16.70
CA TYR C 216 -16.77 -13.86 15.52
C TYR C 216 -17.42 -14.42 14.25
N PHE C 217 -17.19 -13.73 13.14
CA PHE C 217 -17.53 -14.21 11.83
C PHE C 217 -16.44 -15.17 11.27
N ILE C 218 -16.89 -16.31 10.78
CA ILE C 218 -15.99 -17.33 10.29
C ILE C 218 -16.42 -17.59 8.87
N LYS C 219 -15.44 -17.74 8.00
CA LYS C 219 -15.72 -18.14 6.65
C LYS C 219 -15.01 -19.44 6.45
N PHE C 220 -15.81 -20.47 6.13
CA PHE C 220 -15.26 -21.76 5.67
C PHE C 220 -15.17 -21.74 4.15
N ASP C 221 -14.11 -22.39 3.66
CA ASP C 221 -13.73 -22.44 2.27
C ASP C 221 -14.78 -23.02 1.37
N ASP C 222 -15.46 -24.04 1.82
CA ASP C 222 -16.38 -24.76 0.93
C ASP C 222 -17.75 -24.09 0.71
N ASP C 223 -17.98 -22.94 1.34
CA ASP C 223 -19.33 -22.36 1.51
C ASP C 223 -19.38 -20.82 1.39
N PHE C 224 -20.51 -20.29 0.91
CA PHE C 224 -20.79 -18.85 0.84
C PHE C 224 -21.17 -18.25 2.16
N HIS C 225 -21.89 -18.95 2.99
CA HIS C 225 -22.37 -18.38 4.23
C HIS C 225 -21.23 -17.98 5.12
N ILE C 226 -21.52 -16.97 5.95
CA ILE C 226 -20.64 -16.54 7.01
C ILE C 226 -21.18 -17.17 8.29
N TYR C 227 -20.33 -17.81 9.07
CA TYR C 227 -20.77 -18.43 10.29
C TYR C 227 -20.49 -17.50 11.48
N VAL C 228 -21.47 -17.39 12.37
CA VAL C 228 -21.35 -16.61 13.59
C VAL C 228 -21.21 -17.58 14.76
N TYR C 229 -20.07 -17.55 15.42
CA TYR C 229 -19.79 -18.44 16.54
C TYR C 229 -19.26 -17.66 17.71
N ASP C 230 -19.88 -17.84 18.87
CA ASP C 230 -19.26 -17.51 20.15
C ASP C 230 -18.00 -18.37 20.42
N LEU C 231 -16.85 -17.70 20.55
CA LEU C 231 -15.56 -18.37 20.81
C LEU C 231 -15.05 -18.22 22.25
N VAL C 232 -15.98 -18.32 23.20
CA VAL C 232 -15.66 -18.40 24.64
C VAL C 232 -16.57 -19.43 25.32
N ASN D 17 51.54 -0.82 20.15
CA ASN D 17 50.62 -1.50 21.14
C ASN D 17 49.10 -1.35 20.93
N LEU D 18 48.44 -2.48 20.68
CA LEU D 18 47.02 -2.48 20.41
C LEU D 18 46.19 -2.70 21.63
N TYR D 19 44.95 -2.17 21.57
CA TYR D 19 43.92 -2.37 22.61
C TYR D 19 42.51 -2.38 22.04
N PHE D 20 41.75 -3.41 22.44
CA PHE D 20 40.35 -3.56 22.09
C PHE D 20 39.56 -2.62 22.97
N GLN D 21 38.98 -1.57 22.34
CA GLN D 21 37.85 -0.81 22.92
C GLN D 21 36.98 -1.94 23.56
N GLY D 22 36.76 -1.83 24.88
CA GLY D 22 36.14 -2.89 25.65
C GLY D 22 34.63 -2.71 25.64
N SER D 23 33.97 -3.31 26.65
CA SER D 23 32.55 -3.69 26.59
C SER D 23 31.58 -2.97 27.53
N ARG D 24 32.00 -1.84 28.12
CA ARG D 24 31.17 -1.11 29.11
C ARG D 24 29.82 -0.76 28.51
N ASN D 25 28.87 -0.43 29.38
CA ASN D 25 27.53 -0.04 28.98
C ASN D 25 27.14 1.22 29.75
N ILE D 26 27.09 2.34 29.05
CA ILE D 26 26.85 3.65 29.67
C ILE D 26 25.55 4.34 29.22
N VAL D 27 24.58 3.53 28.80
CA VAL D 27 23.25 4.00 28.35
C VAL D 27 22.42 4.39 29.58
N GLY D 28 22.47 5.67 29.94
CA GLY D 28 21.82 6.18 31.14
C GLY D 28 22.74 7.08 31.94
N CYS D 29 23.99 6.68 32.05
CA CYS D 29 24.90 7.31 32.96
C CYS D 29 25.20 8.76 32.59
N ARG D 30 25.45 9.55 33.62
CA ARG D 30 25.98 10.90 33.47
C ARG D 30 27.41 10.75 33.01
N ILE D 31 27.91 11.75 32.32
CA ILE D 31 29.28 11.72 31.80
C ILE D 31 29.93 13.10 31.85
N GLN D 32 31.24 13.11 31.62
CA GLN D 32 32.04 14.32 31.44
C GLN D 32 33.23 13.96 30.58
N HIS D 33 33.52 14.77 29.55
CA HIS D 33 34.68 14.50 28.68
C HIS D 33 35.62 15.70 28.46
N GLY D 34 35.27 16.60 27.56
CA GLY D 34 36.19 17.62 27.03
C GLY D 34 36.20 17.58 25.51
N TRP D 35 36.01 18.74 24.89
CA TRP D 35 35.73 18.84 23.44
C TRP D 35 36.85 19.58 22.68
N LYS D 36 37.57 18.85 21.82
CA LYS D 36 38.58 19.44 20.95
C LYS D 36 37.89 20.17 19.80
N GLU D 37 37.94 21.51 19.80
CA GLU D 37 37.31 22.33 18.72
C GLU D 37 37.99 22.09 17.36
N GLY D 38 37.52 22.79 16.33
CA GLY D 38 38.26 22.91 15.06
C GLY D 38 39.25 24.05 15.11
N ASN D 39 40.48 23.76 15.57
CA ASN D 39 41.55 24.76 15.77
C ASN D 39 41.14 25.93 16.67
N GLY D 40 40.99 25.61 17.95
CA GLY D 40 40.51 26.56 18.95
C GLY D 40 40.73 26.03 20.36
N PRO D 41 40.02 26.58 21.35
CA PRO D 41 40.22 26.23 22.76
C PRO D 41 39.38 25.04 23.24
N VAL D 42 40.01 24.18 24.03
CA VAL D 42 39.34 23.03 24.63
C VAL D 42 38.32 23.55 25.64
N THR D 43 37.10 23.04 25.54
CA THR D 43 36.05 23.34 26.52
C THR D 43 35.68 22.03 27.23
N GLN D 44 35.13 22.14 28.43
CA GLN D 44 34.74 20.99 29.25
C GLN D 44 33.26 20.69 29.05
N TRP D 45 32.96 19.48 28.58
CA TRP D 45 31.57 19.06 28.33
C TRP D 45 31.09 18.03 29.35
N LYS D 46 29.77 17.99 29.49
CA LYS D 46 29.10 17.20 30.51
C LYS D 46 27.63 17.00 30.14
N GLY D 47 27.12 15.79 30.31
CA GLY D 47 25.80 15.45 29.80
C GLY D 47 25.33 14.08 30.22
N THR D 48 24.28 13.62 29.57
CA THR D 48 23.63 12.35 29.87
C THR D 48 23.42 11.58 28.59
N VAL D 49 23.86 10.32 28.60
CA VAL D 49 23.65 9.42 27.47
C VAL D 49 22.22 8.92 27.51
N LEU D 50 21.48 9.15 26.44
CA LEU D 50 20.09 8.81 26.37
C LEU D 50 19.92 7.42 25.80
N ASP D 51 20.60 7.18 24.70
CA ASP D 51 20.44 5.97 23.90
C ASP D 51 21.79 5.61 23.32
N GLN D 52 21.94 4.35 22.95
CA GLN D 52 23.00 3.86 22.06
C GLN D 52 22.34 3.47 20.76
N VAL D 53 22.91 3.91 19.65
CA VAL D 53 22.26 3.72 18.39
C VAL D 53 22.37 2.24 18.01
N PRO D 54 21.24 1.52 17.91
CA PRO D 54 21.32 0.08 17.66
C PRO D 54 22.02 -0.28 16.37
N VAL D 55 21.69 0.39 15.27
CA VAL D 55 22.27 0.05 13.95
C VAL D 55 23.74 0.43 13.87
N ASN D 56 24.11 1.60 14.38
CA ASN D 56 25.50 1.90 14.59
C ASN D 56 25.72 2.00 16.09
N PRO D 57 26.22 0.91 16.75
CA PRO D 57 26.52 0.99 18.21
C PRO D 57 27.68 1.91 18.64
N SER D 58 28.47 2.39 17.68
CA SER D 58 29.49 3.37 17.95
C SER D 58 28.93 4.67 18.47
N LEU D 59 27.71 4.98 18.06
CA LEU D 59 27.05 6.30 18.24
C LEU D 59 26.05 6.33 19.41
N TYR D 60 26.24 7.29 20.30
CA TYR D 60 25.35 7.46 21.42
C TYR D 60 24.54 8.70 21.19
N LEU D 61 23.44 8.84 21.95
CA LEU D 61 22.66 10.09 22.00
C LEU D 61 22.86 10.75 23.33
N ILE D 62 23.37 11.97 23.32
CA ILE D 62 23.72 12.66 24.55
C ILE D 62 23.01 14.00 24.61
N LYS D 63 22.25 14.22 25.67
CA LYS D 63 21.86 15.57 26.05
C LYS D 63 22.97 16.15 26.94
N TYR D 64 23.49 17.31 26.58
CA TYR D 64 24.45 17.99 27.45
C TYR D 64 23.72 19.03 28.26
N ASP D 65 24.42 19.54 29.27
CA ASP D 65 23.86 20.49 30.24
C ASP D 65 23.77 21.87 29.59
N GLY D 66 22.55 22.39 29.47
CA GLY D 66 22.31 23.70 28.86
C GLY D 66 22.32 23.71 27.34
N PHE D 67 22.11 22.54 26.74
CA PHE D 67 22.09 22.36 25.28
C PHE D 67 20.69 21.97 24.89
N ASP D 68 20.08 22.78 24.05
CA ASP D 68 18.71 22.52 23.64
C ASP D 68 18.62 21.38 22.61
N CYS D 69 19.76 21.07 21.95
CA CYS D 69 19.85 20.04 20.89
CA CYS D 69 19.80 20.02 20.91
C CYS D 69 20.37 18.70 21.40
N VAL D 70 19.79 17.61 20.88
CA VAL D 70 20.25 16.26 21.16
C VAL D 70 21.39 16.06 20.22
N TYR D 71 22.44 15.45 20.75
CA TYR D 71 23.68 15.23 20.04
C TYR D 71 23.90 13.75 19.75
N GLY D 72 24.40 13.52 18.54
CA GLY D 72 24.97 12.26 18.12
C GLY D 72 26.49 12.40 18.08
N LEU D 73 27.16 11.68 18.98
CA LEU D 73 28.61 11.51 18.97
C LEU D 73 28.93 10.02 19.06
N GLU D 74 29.93 9.61 18.27
CA GLU D 74 30.60 8.32 18.43
C GLU D 74 31.73 8.62 19.36
N LEU D 75 31.43 8.57 20.65
CA LEU D 75 32.30 9.12 21.71
C LEU D 75 33.68 8.44 21.76
N ASN D 76 33.67 7.13 21.56
CA ASN D 76 34.86 6.37 21.36
C ASN D 76 35.59 6.73 20.07
N LYS D 77 34.89 6.55 18.94
CA LYS D 77 35.58 6.60 17.63
C LYS D 77 35.80 8.03 17.11
N ASP D 78 35.19 9.03 17.76
CA ASP D 78 35.39 10.44 17.41
C ASP D 78 36.76 10.88 17.90
N GLU D 79 37.39 11.79 17.15
CA GLU D 79 38.76 12.21 17.43
C GLU D 79 38.88 13.46 18.34
N ARG D 80 37.76 14.10 18.68
CA ARG D 80 37.78 15.30 19.54
C ARG D 80 37.31 15.10 20.99
N VAL D 81 36.86 13.89 21.30
CA VAL D 81 36.48 13.53 22.66
C VAL D 81 37.74 13.18 23.45
N SER D 82 38.15 14.12 24.30
CA SER D 82 39.40 14.02 25.05
C SER D 82 39.13 13.90 26.55
N ALA D 83 39.73 12.91 27.19
CA ALA D 83 39.65 12.68 28.66
C ALA D 83 38.24 12.29 29.09
N LEU D 84 37.74 11.23 28.46
CA LEU D 84 36.37 10.75 28.68
C LEU D 84 36.23 10.20 30.09
N GLU D 85 35.12 10.53 30.76
CA GLU D 85 34.88 10.16 32.17
C GLU D 85 33.39 9.87 32.49
N VAL D 86 33.15 8.71 33.12
CA VAL D 86 31.79 8.21 33.49
C VAL D 86 31.43 8.42 34.99
N LEU D 87 30.67 9.48 35.27
CA LEU D 87 30.35 9.90 36.64
C LEU D 87 29.20 9.05 37.20
N PRO D 88 29.18 8.79 38.53
CA PRO D 88 28.03 8.14 39.18
C PRO D 88 27.10 9.19 39.81
N ASP D 89 25.89 9.36 39.26
CA ASP D 89 25.05 10.55 39.52
C ASP D 89 23.51 10.46 39.49
N ARG D 90 22.94 9.26 39.49
CA ARG D 90 21.51 9.13 39.68
C ARG D 90 21.24 8.73 41.13
N VAL D 91 21.00 9.74 41.98
CA VAL D 91 20.36 9.58 43.30
C VAL D 91 18.89 10.00 43.20
N ALA D 92 18.48 10.36 41.98
CA ALA D 92 17.09 10.51 41.59
C ALA D 92 16.91 10.06 40.13
N THR D 93 15.71 9.58 39.81
CA THR D 93 15.28 9.31 38.45
C THR D 93 13.76 9.28 38.48
N SER D 94 13.16 10.44 38.25
CA SER D 94 11.72 10.64 38.46
C SER D 94 10.83 9.68 37.66
N ARG D 95 9.58 9.52 38.08
CA ARG D 95 8.51 8.93 37.25
C ARG D 95 7.47 10.04 37.10
N ILE D 96 7.30 10.57 35.88
CA ILE D 96 6.59 11.87 35.62
C ILE D 96 5.30 11.91 36.48
N SER D 97 5.12 13.01 37.22
CA SER D 97 3.95 13.26 38.11
C SER D 97 2.75 13.73 37.26
N ASP D 98 3.01 14.01 35.96
CA ASP D 98 2.00 14.09 34.89
C ASP D 98 2.39 13.11 33.76
N ALA D 99 1.53 12.12 33.51
CA ALA D 99 1.72 11.09 32.46
C ALA D 99 0.56 11.00 31.48
N HIS D 100 -0.68 11.11 31.97
CA HIS D 100 -1.91 11.04 31.13
C HIS D 100 -2.14 12.23 30.19
N LEU D 101 -1.70 13.40 30.62
CA LEU D 101 -1.66 14.57 29.77
C LEU D 101 -0.70 14.29 28.65
N ALA D 102 0.55 14.06 29.02
CA ALA D 102 1.64 13.80 28.09
C ALA D 102 1.30 12.75 27.02
N ASP D 103 0.63 11.67 27.41
CA ASP D 103 0.13 10.66 26.46
C ASP D 103 -0.60 11.32 25.28
N THR D 104 -1.28 12.42 25.54
CA THR D 104 -2.02 13.16 24.52
C THR D 104 -1.22 14.29 23.84
N MET D 105 -0.18 14.81 24.49
CA MET D 105 0.77 15.72 23.82
C MET D 105 1.53 15.08 22.65
N ILE D 106 1.79 13.77 22.73
CA ILE D 106 2.70 13.03 21.83
C ILE D 106 2.18 12.83 20.40
N GLY D 107 2.92 13.36 19.44
CA GLY D 107 2.60 13.21 18.02
C GLY D 107 1.86 14.39 17.43
N LYS D 108 1.34 15.24 18.32
CA LYS D 108 0.37 16.25 17.98
C LYS D 108 1.14 17.51 17.71
N ALA D 109 0.78 18.22 16.65
CA ALA D 109 1.50 19.43 16.23
C ALA D 109 1.28 20.57 17.23
N VAL D 110 2.33 21.22 17.69
CA VAL D 110 2.15 22.23 18.73
C VAL D 110 2.66 23.57 18.28
N GLU D 111 2.52 24.57 19.15
CA GLU D 111 3.21 25.87 19.03
C GLU D 111 3.85 26.30 20.36
N HIS D 112 5.18 26.29 20.37
CA HIS D 112 6.00 26.42 21.56
C HIS D 112 6.43 27.88 21.70
N MET D 113 6.18 28.48 22.88
CA MET D 113 6.45 29.92 23.13
C MET D 113 7.86 30.17 23.68
N PHE D 114 8.66 30.95 22.93
CA PHE D 114 9.96 31.46 23.40
C PHE D 114 9.95 32.97 23.46
N GLU D 115 10.68 33.54 24.41
CA GLU D 115 10.96 34.98 24.44
C GLU D 115 12.05 35.32 23.42
N THR D 116 12.40 36.61 23.33
CA THR D 116 13.56 37.10 22.52
C THR D 116 14.55 37.81 23.46
N GLU D 117 15.68 38.28 22.92
CA GLU D 117 16.63 39.11 23.67
C GLU D 117 15.92 40.41 24.06
N ASP D 118 15.61 41.25 23.08
CA ASP D 118 14.64 42.32 23.26
C ASP D 118 13.27 41.63 23.33
N GLY D 119 12.79 41.38 24.55
CA GLY D 119 11.63 40.51 24.82
C GLY D 119 10.55 40.74 23.75
N SER D 120 10.07 39.64 23.15
CA SER D 120 8.99 39.65 22.15
C SER D 120 8.52 38.20 21.91
N LYS D 121 7.40 38.05 21.18
CA LYS D 121 6.79 36.74 20.92
C LYS D 121 7.50 35.94 19.82
N ASP D 122 8.42 35.06 20.25
CA ASP D 122 9.03 34.03 19.39
C ASP D 122 8.22 32.73 19.49
N GLU D 123 7.50 32.42 18.40
CA GLU D 123 6.59 31.28 18.37
C GLU D 123 6.96 30.37 17.21
N TRP D 124 7.00 29.07 17.47
CA TRP D 124 7.44 28.06 16.51
C TRP D 124 6.50 26.90 16.53
N ARG D 125 5.90 26.59 15.41
CA ARG D 125 5.21 25.33 15.29
C ARG D 125 6.25 24.21 15.33
N GLY D 126 5.92 23.14 16.05
CA GLY D 126 6.77 21.97 16.11
C GLY D 126 6.05 20.64 16.17
N MET D 127 6.77 19.65 16.66
CA MET D 127 6.14 18.38 16.86
C MET D 127 6.80 17.62 17.96
N VAL D 128 5.95 17.09 18.82
CA VAL D 128 6.35 16.36 19.97
C VAL D 128 6.37 14.93 19.52
N LEU D 129 7.58 14.35 19.51
CA LEU D 129 7.87 13.05 18.85
C LEU D 129 7.82 11.88 19.78
N ALA D 130 8.30 12.11 20.99
CA ALA D 130 8.35 11.09 21.99
C ALA D 130 8.66 11.71 23.33
N ARG D 131 8.56 10.84 24.33
CA ARG D 131 9.19 11.06 25.59
C ARG D 131 10.64 10.50 25.50
N ALA D 132 11.62 11.37 25.82
CA ALA D 132 13.04 11.01 25.91
C ALA D 132 13.26 9.82 26.83
N PRO D 133 14.27 9.00 26.53
CA PRO D 133 14.41 7.72 27.22
C PRO D 133 15.01 7.79 28.64
N VAL D 134 15.99 8.63 28.89
CA VAL D 134 16.66 8.58 30.20
C VAL D 134 16.24 9.74 31.10
N MET D 135 16.29 10.95 30.57
CA MET D 135 15.69 12.08 31.25
C MET D 135 14.19 12.04 30.92
N ASN D 136 13.49 11.16 31.63
CA ASN D 136 12.10 10.80 31.32
C ASN D 136 11.05 11.90 31.51
N THR D 137 11.42 12.98 32.19
CA THR D 137 10.55 14.14 32.29
C THR D 137 10.70 15.05 31.06
N TRP D 138 11.73 14.80 30.24
CA TRP D 138 11.98 15.57 29.03
C TRP D 138 11.30 14.94 27.82
N PHE D 139 11.21 15.72 26.76
CA PHE D 139 10.47 15.34 25.60
C PHE D 139 11.25 15.64 24.35
N TYR D 140 11.21 14.69 23.43
CA TYR D 140 11.77 14.88 22.11
C TYR D 140 10.89 15.75 21.22
N ILE D 141 11.53 16.71 20.55
CA ILE D 141 10.78 17.68 19.79
C ILE D 141 11.55 18.30 18.63
N THR D 142 10.93 18.25 17.47
CA THR D 142 11.41 18.95 16.30
C THR D 142 10.49 20.10 15.96
N TYR D 143 10.92 20.95 15.00
CA TYR D 143 10.14 22.08 14.40
C TYR D 143 10.07 22.06 12.86
N GLU D 144 9.03 22.66 12.28
CA GLU D 144 8.83 22.71 10.80
C GLU D 144 9.48 23.94 10.18
N LYS D 145 10.27 24.67 10.96
CA LYS D 145 11.18 25.73 10.46
C LYS D 145 12.66 25.33 10.53
N ASP D 146 12.99 24.41 11.44
CA ASP D 146 14.31 23.78 11.58
C ASP D 146 14.14 22.30 12.07
N PRO D 147 14.28 21.31 11.16
CA PRO D 147 13.82 19.93 11.42
C PRO D 147 14.88 18.99 12.02
N VAL D 148 15.30 19.39 13.22
CA VAL D 148 16.26 18.66 14.01
C VAL D 148 15.70 18.36 15.39
N LEU D 149 16.32 17.35 16.02
CA LEU D 149 15.85 16.83 17.27
C LEU D 149 16.36 17.68 18.42
N TYR D 150 15.43 18.44 19.03
CA TYR D 150 15.60 19.15 20.29
C TYR D 150 14.92 18.43 21.42
N MET D 151 15.30 18.85 22.62
CA MET D 151 14.87 18.18 23.84
C MET D 151 14.58 19.15 24.98
N TYR D 152 13.40 19.02 25.59
CA TYR D 152 12.86 20.03 26.50
C TYR D 152 11.99 19.42 27.58
N GLN D 153 11.69 20.19 28.62
CA GLN D 153 10.62 19.88 29.61
C GLN D 153 9.35 20.63 29.17
N LEU D 154 8.60 19.98 28.28
CA LEU D 154 7.39 20.54 27.68
C LEU D 154 6.21 20.63 28.64
N LEU D 155 6.12 19.71 29.58
CA LEU D 155 5.15 19.83 30.69
C LEU D 155 5.29 21.14 31.50
N ASP D 156 6.51 21.45 31.94
CA ASP D 156 6.84 22.76 32.53
C ASP D 156 6.27 23.98 31.77
N ASP D 157 6.33 23.93 30.44
CA ASP D 157 5.94 25.05 29.57
C ASP D 157 4.49 24.95 29.06
N TYR D 158 3.89 23.77 29.14
CA TYR D 158 2.49 23.59 28.75
C TYR D 158 1.52 23.91 29.88
N LYS D 159 1.84 23.41 31.09
CA LYS D 159 1.20 23.87 32.34
C LYS D 159 1.33 25.37 32.57
N GLU D 160 2.42 25.97 32.10
CA GLU D 160 2.55 27.41 32.09
C GLU D 160 1.89 28.05 30.90
N GLY D 161 1.13 27.30 30.09
CA GLY D 161 0.45 27.83 28.88
C GLY D 161 1.32 28.28 27.70
N ASP D 162 2.65 28.05 27.81
CA ASP D 162 3.67 28.40 26.80
C ASP D 162 3.87 27.30 25.75
N LEU D 163 2.96 26.32 25.72
CA LEU D 163 2.80 25.36 24.64
C LEU D 163 1.31 25.15 24.42
N ARG D 164 0.90 25.09 23.16
CA ARG D 164 -0.52 24.95 22.80
C ARG D 164 -0.65 23.96 21.64
N ILE D 165 -1.71 23.16 21.65
CA ILE D 165 -1.79 21.90 20.89
C ILE D 165 -2.96 21.80 19.88
N MET D 166 -2.68 21.46 18.62
CA MET D 166 -3.69 21.47 17.50
C MET D 166 -3.94 20.09 16.88
N PRO D 167 -5.20 19.56 16.88
CA PRO D 167 -5.43 18.13 16.49
C PRO D 167 -5.55 17.78 14.99
N ASP D 184 7.43 -2.98 6.75
CA ASP D 184 8.87 -2.74 6.65
C ASP D 184 9.29 -1.44 7.33
N SER D 185 10.46 -1.49 7.96
CA SER D 185 11.09 -0.34 8.61
C SER D 185 12.33 0.03 7.79
N LEU D 186 12.61 1.33 7.72
CA LEU D 186 13.74 1.87 6.96
C LEU D 186 14.88 2.29 7.86
N VAL D 187 14.94 1.72 9.06
CA VAL D 187 16.02 2.03 10.00
C VAL D 187 17.19 1.18 9.60
N GLY D 188 18.38 1.77 9.58
CA GLY D 188 19.56 1.09 9.10
C GLY D 188 19.66 0.92 7.58
N LYS D 189 18.88 1.68 6.81
CA LYS D 189 19.16 1.86 5.39
C LYS D 189 20.16 3.03 5.29
N GLN D 190 20.80 3.15 4.12
CA GLN D 190 21.75 4.22 3.83
C GLN D 190 20.96 5.30 3.09
N VAL D 191 21.40 6.54 3.21
CA VAL D 191 20.68 7.67 2.61
C VAL D 191 21.66 8.78 2.30
N GLU D 192 21.58 9.32 1.08
CA GLU D 192 22.26 10.57 0.72
C GLU D 192 21.28 11.46 -0.01
N TYR D 193 21.47 12.78 0.18
CA TYR D 193 20.72 13.80 -0.57
C TYR D 193 21.63 14.55 -1.54
N ALA D 194 20.99 15.45 -2.28
CA ALA D 194 21.67 16.30 -3.24
C ALA D 194 21.94 17.66 -2.58
N LYS D 195 23.14 17.84 -2.00
CA LYS D 195 23.56 19.15 -1.45
C LYS D 195 23.85 20.05 -2.61
N GLU D 196 23.22 21.22 -2.64
CA GLU D 196 23.11 22.05 -3.85
C GLU D 196 24.42 22.28 -4.66
N ASP D 197 25.58 22.21 -4.00
CA ASP D 197 26.89 22.46 -4.63
C ASP D 197 27.33 21.45 -5.71
N GLY D 198 26.62 20.32 -5.85
CA GLY D 198 27.08 19.20 -6.67
C GLY D 198 27.81 18.12 -5.88
N SER D 199 28.05 18.39 -4.58
CA SER D 199 28.56 17.41 -3.62
C SER D 199 27.40 16.81 -2.82
N LYS D 200 27.42 15.48 -2.62
CA LYS D 200 26.45 14.79 -1.77
C LYS D 200 26.93 14.86 -0.33
N ARG D 201 25.98 14.68 0.59
CA ARG D 201 26.29 14.19 1.91
C ARG D 201 25.42 12.93 2.18
N THR D 202 26.09 11.92 2.75
CA THR D 202 25.52 10.61 3.06
C THR D 202 25.28 10.56 4.56
N GLY D 203 24.18 9.96 4.94
CA GLY D 203 23.89 9.74 6.32
C GLY D 203 23.22 8.43 6.45
N MET D 204 22.60 8.22 7.60
CA MET D 204 21.98 6.94 7.90
C MET D 204 20.75 7.11 8.77
N VAL D 205 19.72 6.33 8.47
CA VAL D 205 18.46 6.34 9.19
C VAL D 205 18.66 5.57 10.49
N ILE D 206 18.88 6.30 11.58
CA ILE D 206 19.17 5.67 12.87
C ILE D 206 17.94 5.18 13.63
N HIS D 207 16.77 5.81 13.41
CA HIS D 207 15.59 5.64 14.31
C HIS D 207 14.25 5.96 13.66
N GLN D 208 13.26 5.16 14.00
CA GLN D 208 11.91 5.35 13.52
C GLN D 208 11.05 5.67 14.73
N VAL D 209 10.20 6.69 14.59
CA VAL D 209 9.45 7.24 15.71
C VAL D 209 8.20 6.41 15.89
N GLU D 210 8.07 5.81 17.09
CA GLU D 210 6.91 4.96 17.45
C GLU D 210 5.58 5.71 17.28
N ALA D 211 5.58 7.00 17.61
CA ALA D 211 4.39 7.85 17.57
C ALA D 211 3.92 8.15 16.13
N LYS D 212 4.78 8.71 15.28
CA LYS D 212 4.46 8.95 13.86
C LYS D 212 5.44 8.09 13.05
N PRO D 213 5.06 6.83 12.72
CA PRO D 213 6.00 5.93 12.04
C PRO D 213 6.54 6.46 10.72
N SER D 214 5.74 7.21 9.97
CA SER D 214 6.25 7.88 8.77
C SER D 214 7.41 8.86 9.05
N VAL D 215 7.70 9.14 10.31
CA VAL D 215 8.75 10.06 10.71
C VAL D 215 9.99 9.30 11.18
N TYR D 216 11.15 9.74 10.67
CA TYR D 216 12.43 9.11 10.99
C TYR D 216 13.51 10.11 11.43
N PHE D 217 14.40 9.62 12.30
CA PHE D 217 15.65 10.31 12.60
C PHE D 217 16.73 9.86 11.59
N ILE D 218 17.60 10.81 11.24
CA ILE D 218 18.72 10.56 10.34
C ILE D 218 19.96 11.29 10.87
N LYS D 219 21.08 10.55 10.91
CA LYS D 219 22.39 11.08 11.31
C LYS D 219 23.24 11.23 10.06
N PHE D 220 23.88 12.40 9.95
CA PHE D 220 24.86 12.66 8.89
C PHE D 220 26.22 12.55 9.47
N ASP D 221 27.12 11.88 8.75
CA ASP D 221 28.47 11.54 9.23
C ASP D 221 29.29 12.73 9.73
N ASP D 222 29.14 13.86 9.03
CA ASP D 222 29.80 15.15 9.35
C ASP D 222 29.10 15.95 10.47
N ASP D 223 27.81 15.73 10.62
CA ASP D 223 26.94 16.58 11.43
C ASP D 223 26.59 15.95 12.76
N PHE D 224 26.54 16.79 13.79
CA PHE D 224 26.35 16.38 15.20
C PHE D 224 24.87 16.25 15.62
N HIS D 225 23.98 16.84 14.83
CA HIS D 225 22.58 16.98 15.15
C HIS D 225 21.79 15.99 14.35
N ILE D 226 20.73 15.47 14.96
CA ILE D 226 19.88 14.44 14.37
C ILE D 226 18.78 15.10 13.57
N TYR D 227 18.51 14.59 12.37
CA TYR D 227 17.54 15.20 11.47
C TYR D 227 16.32 14.39 11.51
N VAL D 228 15.20 15.05 11.26
CA VAL D 228 13.88 14.45 11.46
C VAL D 228 13.04 14.54 10.21
N TYR D 229 12.82 13.43 9.52
CA TYR D 229 12.09 13.51 8.28
C TYR D 229 10.80 12.68 8.29
N ASP D 230 9.75 13.25 7.71
CA ASP D 230 8.50 12.55 7.55
C ASP D 230 8.64 11.90 6.19
N LEU D 231 8.94 10.62 6.17
CA LEU D 231 9.28 9.93 4.92
C LEU D 231 8.09 9.44 4.09
N VAL D 232 7.03 10.25 4.01
CA VAL D 232 5.95 10.07 3.04
C VAL D 232 5.39 11.43 2.61
N ARG E 2 14.09 14.38 -32.55
CA ARG E 2 13.24 13.78 -33.63
C ARG E 2 11.72 13.92 -33.38
N HIS E 3 11.32 15.08 -32.84
CA HIS E 3 9.93 15.39 -32.53
C HIS E 3 9.34 16.30 -33.56
N ARG E 4 8.18 15.90 -34.08
CA ARG E 4 7.49 16.71 -35.04
C ARG E 4 6.58 17.70 -34.32
N M3L E 5 6.60 18.94 -34.77
CA M3L E 5 5.60 19.93 -34.40
CB M3L E 5 6.16 21.33 -34.57
CG M3L E 5 6.98 21.72 -33.34
CD M3L E 5 6.22 22.57 -32.33
CE M3L E 5 6.05 21.94 -30.94
NZ M3L E 5 6.42 22.77 -29.78
C M3L E 5 4.36 19.70 -35.22
O M3L E 5 4.43 19.30 -36.39
CM1 M3L E 5 5.51 23.89 -29.58
CM2 M3L E 5 7.76 23.31 -29.82
CM3 M3L E 5 6.34 21.92 -28.60
N VAL E 6 3.20 19.89 -34.59
CA VAL E 6 1.89 19.53 -35.14
C VAL E 6 1.52 20.31 -36.41
N HIS F 3 24.00 -31.00 -15.56
CA HIS F 3 22.78 -31.74 -15.07
C HIS F 3 21.91 -32.10 -16.25
N ARG F 4 20.88 -32.89 -16.01
CA ARG F 4 19.93 -33.22 -17.06
C ARG F 4 18.67 -32.38 -16.85
N M3L F 5 17.83 -32.30 -17.86
CA M3L F 5 16.60 -31.49 -17.80
CB M3L F 5 16.67 -30.44 -18.92
CG M3L F 5 16.98 -29.02 -18.41
CD M3L F 5 15.86 -28.42 -17.55
CE M3L F 5 16.37 -27.44 -16.49
NZ M3L F 5 16.64 -26.06 -16.97
C M3L F 5 15.31 -32.28 -17.92
O M3L F 5 15.32 -33.45 -18.25
CM1 M3L F 5 15.67 -25.58 -17.96
CM2 M3L F 5 17.99 -25.92 -17.52
CM3 M3L F 5 16.59 -25.21 -15.77
N VAL F 6 14.19 -31.58 -17.68
CA VAL F 6 12.83 -32.13 -17.75
C VAL F 6 12.24 -31.87 -19.14
N ARG G 2 -43.39 -10.76 9.13
CA ARG G 2 -44.00 -10.51 7.79
C ARG G 2 -43.53 -11.58 6.80
N HIS G 3 -42.28 -11.47 6.38
CA HIS G 3 -41.66 -12.31 5.32
C HIS G 3 -41.56 -13.78 5.75
N ARG G 4 -41.47 -14.65 4.75
CA ARG G 4 -41.36 -16.09 4.95
C ARG G 4 -39.91 -16.49 5.20
N M3L G 5 -39.71 -17.73 5.61
CA M3L G 5 -38.39 -18.29 5.87
CB M3L G 5 -38.57 -19.28 7.01
CG M3L G 5 -37.28 -19.93 7.47
CD M3L G 5 -36.90 -19.57 8.90
CE M3L G 5 -36.23 -18.21 9.03
NZ M3L G 5 -34.75 -18.20 9.18
C M3L G 5 -37.91 -18.98 4.64
O M3L G 5 -38.73 -19.47 3.86
CM1 M3L G 5 -34.09 -18.89 8.06
CM2 M3L G 5 -34.29 -18.79 10.44
CM3 M3L G 5 -34.31 -16.80 9.17
N VAL G 6 -36.59 -19.04 4.45
CA VAL G 6 -35.96 -19.77 3.34
C VAL G 6 -36.16 -21.30 3.43
#